data_4ROG
# 
_entry.id   4ROG 
# 
_audit_conform.dict_name       mmcif_pdbx.dic 
_audit_conform.dict_version    5.379 
_audit_conform.dict_location   http://mmcif.pdb.org/dictionaries/ascii/mmcif_pdbx.dic 
# 
loop_
_database_2.database_id 
_database_2.database_code 
_database_2.pdbx_database_accession 
_database_2.pdbx_DOI 
PDB   4ROG         pdb_00004rog 10.2210/pdb4rog/pdb 
NDB   NA3265       ?            ?                   
RCSB  RCSB087597   ?            ?                   
WWPDB D_1000087597 ?            ?                   
# 
loop_
_pdbx_database_related.db_name 
_pdbx_database_related.db_id 
_pdbx_database_related.details 
_pdbx_database_related.content_type 
PDB 4RNK 'Sequence and structure of a self-assembled 3-D DNA crystal: D(GGAAAATTTGGAG)' unspecified 
PDB 1P1Y 'Crystal structure of a continuous three-dimensional DNA lattice.'             unspecified 
PDB 4RO4 .                                                                              unspecified 
PDB 4RO7 .                                                                              unspecified 
PDB 4RO8 .                                                                              unspecified 
PDB 4ROK .                                                                              unspecified 
PDB 4RON .                                                                              unspecified 
PDB 4ROO .                                                                              unspecified 
# 
_pdbx_database_status.status_code                     REL 
_pdbx_database_status.entry_id                        4ROG 
_pdbx_database_status.recvd_initial_deposition_date   2014-10-28 
_pdbx_database_status.deposit_site                    RCSB 
_pdbx_database_status.process_site                    RCSB 
_pdbx_database_status.status_code_sf                  REL 
_pdbx_database_status.status_code_mr                  ? 
_pdbx_database_status.SG_entry                        ? 
_pdbx_database_status.status_code_cs                  ? 
_pdbx_database_status.methods_development_category    ? 
_pdbx_database_status.pdb_format_compatible           Y 
_pdbx_database_status.status_code_nmr_data            ? 
# 
loop_
_audit_author.name 
_audit_author.pdbx_ordinal 
'Saoji, M.M.'      1 
'Paukstelis, P.J.' 2 
# 
loop_
_citation.id 
_citation.title 
_citation.journal_abbrev 
_citation.journal_volume 
_citation.page_first 
_citation.page_last 
_citation.year 
_citation.journal_id_ASTM 
_citation.country 
_citation.journal_id_ISSN 
_citation.journal_id_CSD 
_citation.book_publisher 
_citation.pdbx_database_id_PubMed 
_citation.pdbx_database_id_DOI 
primary 'Probing the role of sequence in the assembly of three-dimensional DNA crystals.' Biopolymers 103 618  626  2015 BIPMAA US 
0006-3525 0161 ? 26015367 10.1002/bip.22688              
1       'Crystal structure of a continuous three-dimensional DNA lattice.'                Chem.Biol.  11  1119 1126 2004 CBOLE2 UK 
1074-5521 2050 ? 15324813 10.1016/j.chembiol.2004.05.021 
# 
loop_
_citation_author.citation_id 
_citation_author.name 
_citation_author.ordinal 
_citation_author.identifier_ORCID 
primary 'Saoji, M.'        1 ? 
primary 'Zhang, D.'        2 ? 
primary 'Paukstelis, P.J.' 3 ? 
1       'Paukstelis, P.J.' 4 ? 
1       'Nowakowski, J.'   5 ? 
1       'Birktoft, J.J.'   6 ? 
1       'Seeman, N.C.'     7 ? 
# 
_cell.entry_id           4ROG 
_cell.length_a           40.562 
_cell.length_b           40.562 
_cell.length_c           51.411 
_cell.angle_alpha        90.00 
_cell.angle_beta         90.00 
_cell.angle_gamma        120.00 
_cell.Z_PDB              6 
_cell.pdbx_unique_axis   ? 
_cell.length_a_esd       ? 
_cell.length_b_esd       ? 
_cell.length_c_esd       ? 
_cell.angle_alpha_esd    ? 
_cell.angle_beta_esd     ? 
_cell.angle_gamma_esd    ? 
# 
_symmetry.entry_id                         4ROG 
_symmetry.space_group_name_H-M             'P 64' 
_symmetry.pdbx_full_space_group_name_H-M   ? 
_symmetry.cell_setting                     ? 
_symmetry.Int_Tables_number                172 
_symmetry.space_group_name_Hall            ? 
# 
loop_
_entity.id 
_entity.type 
_entity.src_method 
_entity.pdbx_description 
_entity.formula_weight 
_entity.pdbx_number_of_molecules 
_entity.pdbx_ec 
_entity.pdbx_mutation 
_entity.pdbx_fragment 
_entity.details 
1 polymer     syn 'D(GGACACGTGGGAG)' 4081.660 1 ? ? ? ? 
2 non-polymer syn 'MAGNESIUM ION'    24.305   1 ? ? ? ? 
3 water       nat water              18.015   2 ? ? ? ? 
# 
_entity_poly.entity_id                      1 
_entity_poly.type                           polydeoxyribonucleotide 
_entity_poly.nstd_linkage                   no 
_entity_poly.nstd_monomer                   no 
_entity_poly.pdbx_seq_one_letter_code       '(DG)(DG)(DA)(DC)(DA)(DC)(DG)(DT)(DG)(DG)(DG)(DA)(DG)' 
_entity_poly.pdbx_seq_one_letter_code_can   GGACACGTGGGAG 
_entity_poly.pdbx_strand_id                 A 
_entity_poly.pdbx_target_identifier         ? 
# 
loop_
_entity_poly_seq.entity_id 
_entity_poly_seq.num 
_entity_poly_seq.mon_id 
_entity_poly_seq.hetero 
1 1  DG n 
1 2  DG n 
1 3  DA n 
1 4  DC n 
1 5  DA n 
1 6  DC n 
1 7  DG n 
1 8  DT n 
1 9  DG n 
1 10 DG n 
1 11 DG n 
1 12 DA n 
1 13 DG n 
# 
_pdbx_entity_src_syn.entity_id              1 
_pdbx_entity_src_syn.pdbx_src_id            1 
_pdbx_entity_src_syn.pdbx_alt_source_flag   sample 
_pdbx_entity_src_syn.pdbx_beg_seq_num       ? 
_pdbx_entity_src_syn.pdbx_end_seq_num       ? 
_pdbx_entity_src_syn.organism_scientific    ? 
_pdbx_entity_src_syn.organism_common_name   ? 
_pdbx_entity_src_syn.ncbi_taxonomy_id       ? 
_pdbx_entity_src_syn.details                'DNA molecule synthesized on a DNA synthesizer.' 
# 
_struct_ref.id                         1 
_struct_ref.db_name                    PDB 
_struct_ref.db_code                    4ROG 
_struct_ref.pdbx_db_accession          4ROG 
_struct_ref.entity_id                  1 
_struct_ref.pdbx_align_begin           ? 
_struct_ref.pdbx_seq_one_letter_code   GGACACGTGGGAG 
_struct_ref.pdbx_db_isoform            ? 
# 
_struct_ref_seq.align_id                      1 
_struct_ref_seq.ref_id                        1 
_struct_ref_seq.pdbx_PDB_id_code              4ROG 
_struct_ref_seq.pdbx_strand_id                A 
_struct_ref_seq.seq_align_beg                 1 
_struct_ref_seq.pdbx_seq_align_beg_ins_code   ? 
_struct_ref_seq.seq_align_end                 13 
_struct_ref_seq.pdbx_seq_align_end_ins_code   ? 
_struct_ref_seq.pdbx_db_accession             4ROG 
_struct_ref_seq.db_align_beg                  1 
_struct_ref_seq.pdbx_db_align_beg_ins_code    ? 
_struct_ref_seq.db_align_end                  13 
_struct_ref_seq.pdbx_db_align_end_ins_code    ? 
_struct_ref_seq.pdbx_auth_seq_align_beg       1 
_struct_ref_seq.pdbx_auth_seq_align_end       13 
# 
loop_
_chem_comp.id 
_chem_comp.type 
_chem_comp.mon_nstd_flag 
_chem_comp.name 
_chem_comp.pdbx_synonyms 
_chem_comp.formula 
_chem_comp.formula_weight 
DA  'DNA linking' y "2'-DEOXYADENOSINE-5'-MONOPHOSPHATE" ? 'C10 H14 N5 O6 P' 331.222 
DC  'DNA linking' y "2'-DEOXYCYTIDINE-5'-MONOPHOSPHATE"  ? 'C9 H14 N3 O7 P'  307.197 
DG  'DNA linking' y "2'-DEOXYGUANOSINE-5'-MONOPHOSPHATE" ? 'C10 H14 N5 O7 P' 347.221 
DT  'DNA linking' y "THYMIDINE-5'-MONOPHOSPHATE"         ? 'C10 H15 N2 O8 P' 322.208 
HOH non-polymer   . WATER                                ? 'H2 O'            18.015  
MG  non-polymer   . 'MAGNESIUM ION'                      ? 'Mg 2'            24.305  
# 
_exptl.entry_id          4ROG 
_exptl.method            'X-RAY DIFFRACTION' 
_exptl.crystals_number   1 
# 
_exptl_crystal.id                    1 
_exptl_crystal.density_meas          ? 
_exptl_crystal.density_Matthews      2.99 
_exptl_crystal.density_percent_sol   58.88 
_exptl_crystal.description           ? 
_exptl_crystal.F_000                 ? 
_exptl_crystal.preparation           ? 
# 
_exptl_crystal_grow.crystal_id      1 
_exptl_crystal_grow.method          EVAPORATION 
_exptl_crystal_grow.temp            298 
_exptl_crystal_grow.temp_details    ? 
_exptl_crystal_grow.pH              ? 
_exptl_crystal_grow.pdbx_details    
'120mM Magnesium Formate, 50mM Lithium Chloride, 10% MPD, pH none, EVAPORATION, temperature 298K' 
_exptl_crystal_grow.pdbx_pH_range   none 
# 
_diffrn.id                     1 
_diffrn.ambient_temp           100 
_diffrn.ambient_temp_details   ? 
_diffrn.crystal_id             1 
# 
_diffrn_detector.diffrn_id              1 
_diffrn_detector.detector               PIXEL 
_diffrn_detector.type                   'DECTRIS PILATUS 6M-F' 
_diffrn_detector.pdbx_collection_date   2014-06-29 
_diffrn_detector.details                ? 
# 
_diffrn_radiation.diffrn_id                        1 
_diffrn_radiation.wavelength_id                    1 
_diffrn_radiation.pdbx_monochromatic_or_laue_m_l   M 
_diffrn_radiation.monochromator                    'Si(111)' 
_diffrn_radiation.pdbx_diffrn_protocol             'SINGLE WAVELENGTH' 
_diffrn_radiation.pdbx_scattering_type             x-ray 
# 
_diffrn_radiation_wavelength.id           1 
_diffrn_radiation_wavelength.wavelength   0.979200 
_diffrn_radiation_wavelength.wt           1.0 
# 
_diffrn_source.diffrn_id                   1 
_diffrn_source.source                      SYNCHROTRON 
_diffrn_source.type                        'APS BEAMLINE 24-ID-C' 
_diffrn_source.pdbx_synchrotron_site       APS 
_diffrn_source.pdbx_synchrotron_beamline   24-ID-C 
_diffrn_source.pdbx_wavelength             ? 
_diffrn_source.pdbx_wavelength_list        0.979200 
# 
_reflns.entry_id                     4ROG 
_reflns.observed_criterion_sigma_I   0 
_reflns.observed_criterion_sigma_F   0 
_reflns.d_resolution_low             29.00 
_reflns.d_resolution_high            2.08 
_reflns.number_obs                   2578 
_reflns.number_all                   ? 
_reflns.percent_possible_obs         ? 
_reflns.pdbx_Rmerge_I_obs            0.025 
_reflns.pdbx_Rsym_value              ? 
_reflns.pdbx_netI_over_sigmaI        23.0 
_reflns.B_iso_Wilson_estimate        ? 
_reflns.pdbx_redundancy              2.8 
_reflns.R_free_details               ? 
_reflns.limit_h_max                  ? 
_reflns.limit_h_min                  ? 
_reflns.limit_k_max                  ? 
_reflns.limit_k_min                  ? 
_reflns.limit_l_max                  ? 
_reflns.limit_l_min                  ? 
_reflns.observed_criterion_F_max     ? 
_reflns.observed_criterion_F_min     ? 
_reflns.pdbx_chi_squared             ? 
_reflns.pdbx_scaling_rejects         ? 
_reflns.pdbx_ordinal                 1 
_reflns.pdbx_diffrn_id               1 
# 
_reflns_shell.d_res_high             2.08 
_reflns_shell.d_res_low              2.20 
_reflns_shell.percent_possible_all   ? 
_reflns_shell.Rmerge_I_obs           0.395 
_reflns_shell.pdbx_Rsym_value        ? 
_reflns_shell.meanI_over_sigI_obs    1.4 
_reflns_shell.pdbx_redundancy        1.6 
_reflns_shell.percent_possible_obs   ? 
_reflns_shell.number_unique_all      321 
_reflns_shell.number_measured_all    ? 
_reflns_shell.number_measured_obs    ? 
_reflns_shell.number_unique_obs      ? 
_reflns_shell.pdbx_chi_squared       ? 
_reflns_shell.pdbx_ordinal           1 
_reflns_shell.pdbx_diffrn_id         1 
# 
_refine.entry_id                                 4ROG 
_refine.ls_number_reflns_obs                     2325 
_refine.ls_number_reflns_all                     ? 
_refine.pdbx_ls_sigma_I                          ? 
_refine.pdbx_ls_sigma_F                          . 
_refine.pdbx_data_cutoff_high_absF               ? 
_refine.pdbx_data_cutoff_low_absF                ? 
_refine.pdbx_data_cutoff_high_rms_absF           ? 
_refine.ls_d_res_low                             20.744 
_refine.ls_d_res_high                            2.08 
_refine.ls_percent_reflns_obs                    88.01 
_refine.ls_R_factor_obs                          0.21704 
_refine.ls_R_factor_all                          ? 
_refine.ls_R_factor_R_work                       0.21678 
_refine.ls_R_factor_R_free                       0.21926 
_refine.ls_R_factor_R_free_error                 ? 
_refine.ls_R_factor_R_free_error_details         ? 
_refine.ls_percent_reflns_R_free                 9.5 
_refine.ls_number_reflns_R_free                  243 
_refine.ls_number_parameters                     ? 
_refine.ls_number_restraints                     ? 
_refine.occupancy_min                            ? 
_refine.occupancy_max                            ? 
_refine.correlation_coeff_Fo_to_Fc               0.966 
_refine.correlation_coeff_Fo_to_Fc_free          0.966 
_refine.B_iso_mean                               78.666 
_refine.aniso_B[1][1]                            0.13 
_refine.aniso_B[2][2]                            0.13 
_refine.aniso_B[3][3]                            -0.42 
_refine.aniso_B[1][2]                            0.06 
_refine.aniso_B[1][3]                            0.00 
_refine.aniso_B[2][3]                            -0.00 
_refine.solvent_model_details                    MASK 
_refine.solvent_model_param_ksol                 ? 
_refine.solvent_model_param_bsol                 ? 
_refine.pdbx_solvent_vdw_probe_radii             1.00 
_refine.pdbx_solvent_ion_probe_radii             0.90 
_refine.pdbx_solvent_shrinkage_radii             0.90 
_refine.pdbx_ls_cross_valid_method               THROUGHOUT 
_refine.details                                  'HYDROGENS HAVE BEEN ADDED IN THE RIDING POSITIONS' 
_refine.pdbx_starting_model                      'PDB ENTRY 1p1y' 
_refine.pdbx_method_to_determine_struct          'MOLECULAR REPLACEMENT' 
_refine.pdbx_isotropic_thermal_model             ? 
_refine.pdbx_stereochemistry_target_values       'MAXIMUM LIKELIHOOD' 
_refine.pdbx_stereochem_target_val_spec_case     ? 
_refine.pdbx_R_Free_selection_details            RANDOM 
_refine.pdbx_overall_ESU_R                       0.217 
_refine.pdbx_overall_ESU_R_Free                  0.164 
_refine.overall_SU_ML                            0.185 
_refine.pdbx_overall_phase_error                 ? 
_refine.overall_SU_B                             17.477 
_refine.overall_SU_R_Cruickshank_DPI             ? 
_refine.ls_redundancy_reflns_obs                 ? 
_refine.B_iso_min                                ? 
_refine.B_iso_max                                ? 
_refine.overall_SU_R_free                        ? 
_refine.ls_wR_factor_R_free                      ? 
_refine.ls_wR_factor_R_work                      ? 
_refine.overall_FOM_free_R_set                   ? 
_refine.overall_FOM_work_R_set                   ? 
_refine.pdbx_diffrn_id                           1 
_refine.pdbx_refine_id                           'X-RAY DIFFRACTION' 
_refine.pdbx_TLS_residual_ADP_flag               ? 
_refine.pdbx_overall_SU_R_free_Cruickshank_DPI   ? 
_refine.pdbx_overall_SU_R_Blow_DPI               ? 
_refine.pdbx_overall_SU_R_free_Blow_DPI          ? 
# 
_refine_hist.pdbx_refine_id                   'X-RAY DIFFRACTION' 
_refine_hist.cycle_id                         LAST 
_refine_hist.pdbx_number_atoms_protein        0 
_refine_hist.pdbx_number_atoms_nucleic_acid   254 
_refine_hist.pdbx_number_atoms_ligand         1 
_refine_hist.number_atoms_solvent             2 
_refine_hist.number_atoms_total               257 
_refine_hist.d_res_high                       2.08 
_refine_hist.d_res_low                        20.744 
# 
loop_
_refine_ls_restr.type 
_refine_ls_restr.dev_ideal 
_refine_ls_restr.dev_ideal_target 
_refine_ls_restr.weight 
_refine_ls_restr.number 
_refine_ls_restr.pdbx_restraint_function 
_refine_ls_restr.pdbx_refine_id 
r_bond_refined_d       0.006 0.011  ? 286 ? 'X-RAY DIFFRACTION' 
r_bond_other_d         0.002 0.020  ? 134 ? 'X-RAY DIFFRACTION' 
r_angle_refined_deg    1.131 1.150  ? 442 ? 'X-RAY DIFFRACTION' 
r_angle_other_deg      3.407 3.000  ? 316 ? 'X-RAY DIFFRACTION' 
r_chiral_restr         0.143 0.200  ? 36  ? 'X-RAY DIFFRACTION' 
r_gen_planes_refined   0.008 0.020  ? 153 ? 'X-RAY DIFFRACTION' 
r_gen_planes_other     0.001 0.020  ? 66  ? 'X-RAY DIFFRACTION' 
r_scbond_it            1.866 4.786  ? 286 ? 'X-RAY DIFFRACTION' 
r_scbond_other         1.870 4.765  ? 284 ? 'X-RAY DIFFRACTION' 
r_scangle_other        3.206 7.184  ? 439 ? 'X-RAY DIFFRACTION' 
r_long_range_B_refined 3.917 47.297 ? 412 ? 'X-RAY DIFFRACTION' 
r_long_range_B_other   3.913 47.279 ? 413 ? 'X-RAY DIFFRACTION' 
# 
_refine_ls_shell.pdbx_total_number_of_bins_used   20 
_refine_ls_shell.d_res_high                       2.084 
_refine_ls_shell.d_res_low                        2.137 
_refine_ls_shell.number_reflns_R_work             137 
_refine_ls_shell.R_factor_R_work                  0.305 
_refine_ls_shell.percent_reflns_obs               69.91 
_refine_ls_shell.R_factor_R_free                  0.285 
_refine_ls_shell.R_factor_R_free_error            ? 
_refine_ls_shell.percent_reflns_R_free            ? 
_refine_ls_shell.number_reflns_R_free             14 
_refine_ls_shell.number_reflns_all                ? 
_refine_ls_shell.R_factor_all                     ? 
_refine_ls_shell.number_reflns_obs                ? 
_refine_ls_shell.redundancy_reflns_obs            ? 
_refine_ls_shell.pdbx_refine_id                   'X-RAY DIFFRACTION' 
# 
_struct.entry_id                  4ROG 
_struct.title                     'Sequence and structure of a self-assembled 3-D DNA crystal: D(GGACACGTGGGAG)' 
_struct.pdbx_model_details        ? 
_struct.pdbx_CASP_flag            ? 
_struct.pdbx_model_type_details   ? 
# 
_struct_keywords.entry_id        4ROG 
_struct_keywords.pdbx_keywords   DNA 
_struct_keywords.text            'Self-assembling 3D DNA crystal, DNA' 
# 
loop_
_struct_asym.id 
_struct_asym.pdbx_blank_PDB_chainid_flag 
_struct_asym.pdbx_modified 
_struct_asym.entity_id 
_struct_asym.details 
A N N 1 ? 
B N N 2 ? 
C N N 3 ? 
# 
_struct_biol.id        1 
_struct_biol.details   ? 
# 
loop_
_struct_conn.id 
_struct_conn.conn_type_id 
_struct_conn.pdbx_leaving_atom_flag 
_struct_conn.pdbx_PDB_id 
_struct_conn.ptnr1_label_asym_id 
_struct_conn.ptnr1_label_comp_id 
_struct_conn.ptnr1_label_seq_id 
_struct_conn.ptnr1_label_atom_id 
_struct_conn.pdbx_ptnr1_label_alt_id 
_struct_conn.pdbx_ptnr1_PDB_ins_code 
_struct_conn.pdbx_ptnr1_standard_comp_id 
_struct_conn.ptnr1_symmetry 
_struct_conn.ptnr2_label_asym_id 
_struct_conn.ptnr2_label_comp_id 
_struct_conn.ptnr2_label_seq_id 
_struct_conn.ptnr2_label_atom_id 
_struct_conn.pdbx_ptnr2_label_alt_id 
_struct_conn.pdbx_ptnr2_PDB_ins_code 
_struct_conn.ptnr1_auth_asym_id 
_struct_conn.ptnr1_auth_comp_id 
_struct_conn.ptnr1_auth_seq_id 
_struct_conn.ptnr2_auth_asym_id 
_struct_conn.ptnr2_auth_comp_id 
_struct_conn.ptnr2_auth_seq_id 
_struct_conn.ptnr2_symmetry 
_struct_conn.pdbx_ptnr3_label_atom_id 
_struct_conn.pdbx_ptnr3_label_seq_id 
_struct_conn.pdbx_ptnr3_label_comp_id 
_struct_conn.pdbx_ptnr3_label_asym_id 
_struct_conn.pdbx_ptnr3_label_alt_id 
_struct_conn.pdbx_ptnr3_PDB_ins_code 
_struct_conn.details 
_struct_conn.pdbx_dist_value 
_struct_conn.pdbx_value_order 
_struct_conn.pdbx_role 
metalc1 metalc ? ? B MG . MG ? ? ? 1_555 C HOH .  O  ? ? A MG 101 A HOH 202 1_555 ? ? ? ? ? ? ?           2.014 ? ? 
hydrog1 hydrog ? ? A DG 1 N7 ? ? ? 1_555 A DG  10 N1 ? ? A DG 1   A DG  10  5_555 ? ? ? ? ? ? TYPE_7_PAIR ?     ? ? 
hydrog2 hydrog ? ? A DG 1 O6 ? ? ? 1_555 A DG  10 N2 ? ? A DG 1   A DG  10  5_555 ? ? ? ? ? ? TYPE_7_PAIR ?     ? ? 
hydrog3 hydrog ? ? A DG 2 N2 ? ? ? 1_555 A DG  11 N3 ? ? A DG 2   A DG  11  5_555 ? ? ? ? ? ? TYPE_4_PAIR ?     ? ? 
hydrog4 hydrog ? ? A DG 2 N3 ? ? ? 1_555 A DG  11 N2 ? ? A DG 2   A DG  11  5_555 ? ? ? ? ? ? TYPE_4_PAIR ?     ? ? 
hydrog5 hydrog ? ? A DA 3 N6 ? ? ? 1_555 A DA  12 N7 ? ? A DA 3   A DA  12  5_555 ? ? ? ? ? ? TYPE_2_PAIR ?     ? ? 
hydrog6 hydrog ? ? A DA 3 N7 ? ? ? 1_555 A DA  12 N6 ? ? A DA 3   A DA  12  5_555 ? ? ? ? ? ? TYPE_2_PAIR ?     ? ? 
# 
loop_
_struct_conn_type.id 
_struct_conn_type.criteria 
_struct_conn_type.reference 
metalc ? ? 
hydrog ? ? 
# 
_struct_site.id                   AC1 
_struct_site.pdbx_evidence_code   Software 
_struct_site.pdbx_auth_asym_id    A 
_struct_site.pdbx_auth_comp_id    MG 
_struct_site.pdbx_auth_seq_id     101 
_struct_site.pdbx_auth_ins_code   ? 
_struct_site.pdbx_num_residues    2 
_struct_site.details              'BINDING SITE FOR RESIDUE MG A 101' 
# 
loop_
_struct_site_gen.id 
_struct_site_gen.site_id 
_struct_site_gen.pdbx_num_res 
_struct_site_gen.label_comp_id 
_struct_site_gen.label_asym_id 
_struct_site_gen.label_seq_id 
_struct_site_gen.pdbx_auth_ins_code 
_struct_site_gen.auth_comp_id 
_struct_site_gen.auth_asym_id 
_struct_site_gen.auth_seq_id 
_struct_site_gen.label_atom_id 
_struct_site_gen.label_alt_id 
_struct_site_gen.symmetry 
_struct_site_gen.details 
1 AC1 2 DA  A 12 ? DA  A 12  . ? 2_545 ? 
2 AC1 2 HOH C .  ? HOH A 202 . ? 1_555 ? 
# 
_atom_sites.entry_id                    4ROG 
_atom_sites.fract_transf_matrix[1][1]   0.00170874 
_atom_sites.fract_transf_matrix[1][2]   -0.02733872 
_atom_sites.fract_transf_matrix[1][3]   0.00775249 
_atom_sites.fract_transf_matrix[2][1]   -0.01902381 
_atom_sites.fract_transf_matrix[2][2]   -0.01878454 
_atom_sites.fract_transf_matrix[2][3]   -0.00978073 
_atom_sites.fract_transf_matrix[3][1]   0.01144639 
_atom_sites.fract_transf_matrix[3][2]   -0.00362412 
_atom_sites.fract_transf_matrix[3][3]   -0.01530318 
_atom_sites.fract_transf_vector[1]      0.068586 
_atom_sites.fract_transf_vector[2]      -0.416024 
_atom_sites.fract_transf_vector[3]      -0.234110 
# 
loop_
_atom_type.symbol 
C  
MG 
N  
O  
P  
# 
loop_
_atom_site.group_PDB 
_atom_site.id 
_atom_site.type_symbol 
_atom_site.label_atom_id 
_atom_site.label_alt_id 
_atom_site.label_comp_id 
_atom_site.label_asym_id 
_atom_site.label_entity_id 
_atom_site.label_seq_id 
_atom_site.pdbx_PDB_ins_code 
_atom_site.Cartn_x 
_atom_site.Cartn_y 
_atom_site.Cartn_z 
_atom_site.occupancy 
_atom_site.B_iso_or_equiv 
_atom_site.pdbx_formal_charge 
_atom_site.auth_seq_id 
_atom_site.auth_comp_id 
_atom_site.auth_asym_id 
_atom_site.auth_atom_id 
_atom_site.pdbx_PDB_model_num 
ATOM   1   O  "O5'" . DG  A 1 1  ? 11.412  9.069   -18.552 1.00 84.53  ? 1   DG  A "O5'" 1 
ATOM   2   C  "C5'" . DG  A 1 1  ? 11.032  10.380  -18.069 1.00 83.66  ? 1   DG  A "C5'" 1 
ATOM   3   C  "C4'" . DG  A 1 1  ? 10.560  10.292  -16.634 1.00 80.67  ? 1   DG  A "C4'" 1 
ATOM   4   O  "O4'" . DG  A 1 1  ? 9.207   9.841   -16.393 1.00 77.81  ? 1   DG  A "O4'" 1 
ATOM   5   C  "C3'" . DG  A 1 1  ? 11.426  9.696   -15.529 1.00 79.56  ? 1   DG  A "C3'" 1 
ATOM   6   O  "O3'" . DG  A 1 1  ? 11.336  10.523  -14.363 1.00 81.39  ? 1   DG  A "O3'" 1 
ATOM   7   C  "C2'" . DG  A 1 1  ? 10.708  8.387   -15.265 1.00 75.98  ? 1   DG  A "C2'" 1 
ATOM   8   C  "C1'" . DG  A 1 1  ? 9.246   8.811   -15.406 1.00 73.26  ? 1   DG  A "C1'" 1 
ATOM   9   N  N9    . DG  A 1 1  ? 8.336   7.757   -15.827 1.00 69.09  ? 1   DG  A N9    1 
ATOM   10  C  C8    . DG  A 1 1  ? 7.223   7.317   -15.155 1.00 66.36  ? 1   DG  A C8    1 
ATOM   11  N  N7    . DG  A 1 1  ? 6.589   6.368   -15.786 1.00 65.99  ? 1   DG  A N7    1 
ATOM   12  C  C5    . DG  A 1 1  ? 7.328   6.170   -16.944 1.00 67.92  ? 1   DG  A C5    1 
ATOM   13  C  C6    . DG  A 1 1  ? 7.124   5.270   -18.026 1.00 70.30  ? 1   DG  A C6    1 
ATOM   14  O  O6    . DG  A 1 1  ? 6.227   4.433   -18.175 1.00 73.26  ? 1   DG  A O6    1 
ATOM   15  N  N1    . DG  A 1 1  ? 8.099   5.419   -19.004 1.00 72.10  ? 1   DG  A N1    1 
ATOM   16  C  C2    . DG  A 1 1  ? 9.142   6.308   -18.949 1.00 73.86  ? 1   DG  A C2    1 
ATOM   17  N  N2    . DG  A 1 1  ? 9.982   6.299   -19.992 1.00 78.27  ? 1   DG  A N2    1 
ATOM   18  N  N3    . DG  A 1 1  ? 9.347   7.145   -17.946 1.00 72.18  ? 1   DG  A N3    1 
ATOM   19  C  C4    . DG  A 1 1  ? 8.408   7.021   -16.985 1.00 68.96  ? 1   DG  A C4    1 
ATOM   20  P  P     . DG  A 1 2  ? 12.157  10.157  -13.023 1.00 82.23  ? 2   DG  A P     1 
ATOM   21  O  OP1   . DG  A 1 2  ? 12.147  11.358  -12.150 1.00 84.70  ? 2   DG  A OP1   1 
ATOM   22  O  OP2   . DG  A 1 2  ? 13.453  9.528   -13.419 1.00 85.27  ? 2   DG  A OP2   1 
ATOM   23  O  "O5'" . DG  A 1 2  ? 11.289  9.012   -12.328 1.00 77.81  ? 2   DG  A "O5'" 1 
ATOM   24  C  "C5'" . DG  A 1 2  ? 9.980   9.266   -11.775 1.00 72.94  ? 2   DG  A "C5'" 1 
ATOM   25  C  "C4'" . DG  A 1 2  ? 9.369   7.975   -11.289 1.00 68.62  ? 2   DG  A "C4'" 1 
ATOM   26  O  "O4'" . DG  A 1 2  ? 9.064   7.112   -12.405 1.00 67.12  ? 2   DG  A "O4'" 1 
ATOM   27  C  "C3'" . DG  A 1 2  ? 10.281  7.156   -10.377 1.00 69.66  ? 2   DG  A "C3'" 1 
ATOM   28  O  "O3'" . DG  A 1 2  ? 9.510   6.641   -9.290  1.00 68.60  ? 2   DG  A "O3'" 1 
ATOM   29  C  "C2'" . DG  A 1 2  ? 10.777  6.041   -11.276 1.00 67.66  ? 2   DG  A "C2'" 1 
ATOM   30  C  "C1'" . DG  A 1 2  ? 9.553   5.815   -12.119 1.00 65.01  ? 2   DG  A "C1'" 1 
ATOM   31  N  N9    . DG  A 1 2  ? 9.771   5.131   -13.385 1.00 63.80  ? 2   DG  A N9    1 
ATOM   32  C  C8    . DG  A 1 2  ? 10.870  5.190   -14.208 1.00 65.68  ? 2   DG  A C8    1 
ATOM   33  N  N7    . DG  A 1 2  ? 10.727  4.490   -15.302 1.00 66.68  ? 2   DG  A N7    1 
ATOM   34  C  C5    . DG  A 1 2  ? 9.457   3.941   -15.192 1.00 64.44  ? 2   DG  A C5    1 
ATOM   35  C  C6    . DG  A 1 2  ? 8.750   3.077   -16.066 1.00 66.14  ? 2   DG  A C6    1 
ATOM   36  O  O6    . DG  A 1 2  ? 9.123   2.602   -17.147 1.00 71.01  ? 2   DG  A O6    1 
ATOM   37  N  N1    . DG  A 1 2  ? 7.488   2.767   -15.569 1.00 63.21  ? 2   DG  A N1    1 
ATOM   38  C  C2    . DG  A 1 2  ? 6.972   3.227   -14.382 1.00 60.60  ? 2   DG  A C2    1 
ATOM   39  N  N2    . DG  A 1 2  ? 5.737   2.816   -14.072 1.00 60.09  ? 2   DG  A N2    1 
ATOM   40  N  N3    . DG  A 1 2  ? 7.627   4.015   -13.550 1.00 60.98  ? 2   DG  A N3    1 
ATOM   41  C  C4    . DG  A 1 2  ? 8.855   4.330   -14.015 1.00 62.50  ? 2   DG  A C4    1 
ATOM   42  P  P     . DA  A 1 3  ? 10.037  6.787   -7.788  1.00 71.44  ? 3   DA  A P     1 
ATOM   43  O  OP1   . DA  A 1 3  ? 10.617  8.150   -7.618  1.00 73.12  ? 3   DA  A OP1   1 
ATOM   44  O  OP2   . DA  A 1 3  ? 10.863  5.576   -7.454  1.00 72.22  ? 3   DA  A OP2   1 
ATOM   45  O  "O5'" . DA  A 1 3  ? 8.676   6.769   -6.960  1.00 70.96  ? 3   DA  A "O5'" 1 
ATOM   46  C  "C5'" . DA  A 1 3  ? 7.501   7.464   -7.421  1.00 71.33  ? 3   DA  A "C5'" 1 
ATOM   47  C  "C4'" . DA  A 1 3  ? 6.277   6.948   -6.699  1.00 69.81  ? 3   DA  A "C4'" 1 
ATOM   48  O  "O4'" . DA  A 1 3  ? 5.775   5.788   -7.402  1.00 68.00  ? 3   DA  A "O4'" 1 
ATOM   49  C  "C3'" . DA  A 1 3  ? 6.522   6.477   -5.264  1.00 71.44  ? 3   DA  A "C3'" 1 
ATOM   50  O  "O3'" . DA  A 1 3  ? 5.341   6.660   -4.444  1.00 75.80  ? 3   DA  A "O3'" 1 
ATOM   51  C  "C2'" . DA  A 1 3  ? 6.877   5.012   -5.469  1.00 67.82  ? 3   DA  A "C2'" 1 
ATOM   52  C  "C1'" . DA  A 1 3  ? 5.929   4.620   -6.602  1.00 65.65  ? 3   DA  A "C1'" 1 
ATOM   53  N  N9    . DA  A 1 3  ? 6.344   3.530   -7.488  1.00 62.62  ? 3   DA  A N9    1 
ATOM   54  C  C8    . DA  A 1 3  ? 7.372   3.544   -8.399  1.00 65.99  ? 3   DA  A C8    1 
ATOM   55  N  N7    . DA  A 1 3  ? 7.485   2.431   -9.084  1.00 66.57  ? 3   DA  A N7    1 
ATOM   56  C  C5    . DA  A 1 3  ? 6.442   1.644   -8.618  1.00 62.76  ? 3   DA  A C5    1 
ATOM   57  C  C6    . DA  A 1 3  ? 6.003   0.350   -8.961  1.00 63.58  ? 3   DA  A C6    1 
ATOM   58  N  N6    . DA  A 1 3  ? 6.599   -0.413  -9.879  1.00 66.43  ? 3   DA  A N6    1 
ATOM   59  N  N1    . DA  A 1 3  ? 4.940   -0.152  -8.297  1.00 61.54  ? 3   DA  A N1    1 
ATOM   60  C  C2    . DA  A 1 3  ? 4.345   0.614   -7.373  1.00 62.59  ? 3   DA  A C2    1 
ATOM   61  N  N3    . DA  A 1 3  ? 4.658   1.847   -6.968  1.00 62.32  ? 3   DA  A N3    1 
ATOM   62  C  C4    . DA  A 1 3  ? 5.724   2.312   -7.642  1.00 62.33  ? 3   DA  A C4    1 
ATOM   63  P  P     . DC  A 1 4  ? 4.984   8.095   -3.713  1.00 80.04  ? 4   DC  A P     1 
ATOM   64  O  OP1   . DC  A 1 4  ? 3.863   7.848   -2.757  1.00 82.42  ? 4   DC  A OP1   1 
ATOM   65  O  OP2   . DC  A 1 4  ? 4.856   9.174   -4.747  1.00 80.20  ? 4   DC  A OP2   1 
ATOM   66  O  "O5'" . DC  A 1 4  ? 6.268   8.380   -2.815  1.00 79.40  ? 4   DC  A "O5'" 1 
ATOM   67  C  "C5'" . DC  A 1 4  ? 6.593   7.462   -1.768  1.00 76.67  ? 4   DC  A "C5'" 1 
ATOM   68  C  "C4'" . DC  A 1 4  ? 7.515   8.119   -0.772  1.00 77.91  ? 4   DC  A "C4'" 1 
ATOM   69  O  "O4'" . DC  A 1 4  ? 7.054   9.451   -0.448  1.00 77.67  ? 4   DC  A "O4'" 1 
ATOM   70  C  "C3'" . DC  A 1 4  ? 7.614   7.354   0.546   1.00 78.07  ? 4   DC  A "C3'" 1 
ATOM   71  O  "O3'" . DC  A 1 4  ? 8.981   7.199   0.938   1.00 83.06  ? 4   DC  A "O3'" 1 
ATOM   72  C  "C2'" . DC  A 1 4  ? 6.774   8.159   1.521   1.00 78.27  ? 4   DC  A "C2'" 1 
ATOM   73  C  "C1'" . DC  A 1 4  ? 6.594   9.527   0.897   1.00 77.63  ? 4   DC  A "C1'" 1 
ATOM   74  N  N1    . DC  A 1 4  ? 5.192   9.976   0.879   1.00 74.74  ? 4   DC  A N1    1 
ATOM   75  C  C2    . DC  A 1 4  ? 4.547   10.202  2.098   1.00 74.90  ? 4   DC  A C2    1 
ATOM   76  O  O2    . DC  A 1 4  ? 5.177   10.026  3.152   1.00 74.58  ? 4   DC  A O2    1 
ATOM   77  N  N3    . DC  A 1 4  ? 3.260   10.620  2.097   1.00 75.01  ? 4   DC  A N3    1 
ATOM   78  C  C4    . DC  A 1 4  ? 2.621   10.809  0.940   1.00 74.32  ? 4   DC  A C4    1 
ATOM   79  N  N4    . DC  A 1 4  ? 1.354   11.226  0.985   1.00 76.20  ? 4   DC  A N4    1 
ATOM   80  C  C5    . DC  A 1 4  ? 3.254   10.584  -0.314  1.00 72.82  ? 4   DC  A C5    1 
ATOM   81  C  C6    . DC  A 1 4  ? 4.526   10.167  -0.300  1.00 72.83  ? 4   DC  A C6    1 
ATOM   82  P  P     . DA  A 1 5  ? 9.519   5.766   1.407   1.00 84.09  ? 5   DA  A P     1 
ATOM   83  O  OP1   . DA  A 1 5  ? 11.005  5.859   1.534   1.00 87.80  ? 5   DA  A OP1   1 
ATOM   84  O  OP2   . DA  A 1 5  ? 8.886   4.717   0.555   1.00 80.98  ? 5   DA  A OP2   1 
ATOM   85  O  "O5'" . DA  A 1 5  ? 8.861   5.598   2.843   1.00 84.06  ? 5   DA  A "O5'" 1 
ATOM   86  C  "C5'" . DA  A 1 5  ? 9.211   6.480   3.921   1.00 87.71  ? 5   DA  A "C5'" 1 
ATOM   87  C  "C4'" . DA  A 1 5  ? 8.531   6.022   5.190   1.00 88.81  ? 5   DA  A "C4'" 1 
ATOM   88  O  "O4'" . DA  A 1 5  ? 7.144   6.426   5.195   1.00 87.03  ? 5   DA  A "O4'" 1 
ATOM   89  C  "C3'" . DA  A 1 5  ? 8.512   4.512   5.412   1.00 88.16  ? 5   DA  A "C3'" 1 
ATOM   90  O  "O3'" . DA  A 1 5  ? 8.647   4.325   6.827   1.00 93.35  ? 5   DA  A "O3'" 1 
ATOM   91  C  "C2'" . DA  A 1 5  ? 7.181   4.088   4.804   1.00 83.67  ? 5   DA  A "C2'" 1 
ATOM   92  C  "C1'" . DA  A 1 5  ? 6.279   5.299   5.046   1.00 82.73  ? 5   DA  A "C1'" 1 
ATOM   93  N  N9    . DA  A 1 5  ? 5.304   5.632   4.005   1.00 76.78  ? 5   DA  A N9    1 
ATOM   94  C  C8    . DA  A 1 5  ? 5.369   5.406   2.652   1.00 73.85  ? 5   DA  A C8    1 
ATOM   95  N  N7    . DA  A 1 5  ? 4.351   5.898   1.985   1.00 72.05  ? 5   DA  A N7    1 
ATOM   96  C  C5    . DA  A 1 5  ? 3.575   6.505   2.963   1.00 72.46  ? 5   DA  A C5    1 
ATOM   97  C  C6    . DA  A 1 5  ? 2.363   7.215   2.902   1.00 71.27  ? 5   DA  A C6    1 
ATOM   98  N  N6    . DA  A 1 5  ? 1.687   7.430   1.772   1.00 70.22  ? 5   DA  A N6    1 
ATOM   99  N  N1    . DA  A 1 5  ? 1.848   7.676   4.061   1.00 73.67  ? 5   DA  A N1    1 
ATOM   100 C  C2    . DA  A 1 5  ? 2.528   7.463   5.195   1.00 76.97  ? 5   DA  A C2    1 
ATOM   101 N  N3    . DA  A 1 5  ? 3.683   6.828   5.377   1.00 77.33  ? 5   DA  A N3    1 
ATOM   102 C  C4    . DA  A 1 5  ? 4.156   6.360   4.208   1.00 74.96  ? 5   DA  A C4    1 
ATOM   103 P  P     . DC  A 1 6  ? 8.761   2.862   7.455   1.00 95.21  ? 6   DC  A P     1 
ATOM   104 O  OP1   . DC  A 1 6  ? 9.878   2.888   8.450   1.00 99.40  ? 6   DC  A OP1   1 
ATOM   105 O  OP2   . DC  A 1 6  ? 8.784   1.880   6.326   1.00 92.54  ? 6   DC  A OP2   1 
ATOM   106 O  "O5'" . DC  A 1 6  ? 7.347   2.674   8.170   1.00 91.44  ? 6   DC  A "O5'" 1 
ATOM   107 C  "C5'" . DC  A 1 6  ? 6.723   3.749   8.906   1.00 92.20  ? 6   DC  A "C5'" 1 
ATOM   108 C  "C4'" . DC  A 1 6  ? 5.240   3.502   9.052   1.00 89.39  ? 6   DC  A "C4'" 1 
ATOM   109 O  "O4'" . DC  A 1 6  ? 4.554   4.003   7.892   1.00 83.45  ? 6   DC  A "O4'" 1 
ATOM   110 C  "C3'" . DC  A 1 6  ? 4.841   2.029   9.156   1.00 88.84  ? 6   DC  A "C3'" 1 
ATOM   111 O  "O3'" . DC  A 1 6  ? 4.512   1.687   10.500  1.00 96.93  ? 6   DC  A "O3'" 1 
ATOM   112 C  "C2'" . DC  A 1 6  ? 3.607   1.900   8.277   1.00 83.47  ? 6   DC  A "C2'" 1 
ATOM   113 C  "C1'" . DC  A 1 6  ? 3.335   3.302   7.782   1.00 80.91  ? 6   DC  A "C1'" 1 
ATOM   114 N  N1    . DC  A 1 6  ? 2.918   3.353   6.382   1.00 76.00  ? 6   DC  A N1    1 
ATOM   115 C  C2    . DC  A 1 6  ? 1.702   3.959   6.067   1.00 74.46  ? 6   DC  A C2    1 
ATOM   116 O  O2    . DC  A 1 6  ? 1.009   4.423   6.984   1.00 77.46  ? 6   DC  A O2    1 
ATOM   117 N  N3    . DC  A 1 6  ? 1.314   4.031   4.775   1.00 71.28  ? 6   DC  A N3    1 
ATOM   118 C  C4    . DC  A 1 6  ? 2.095   3.525   3.817   1.00 69.63  ? 6   DC  A C4    1 
ATOM   119 N  N4    . DC  A 1 6  ? 1.671   3.613   2.555   1.00 67.79  ? 6   DC  A N4    1 
ATOM   120 C  C5    . DC  A 1 6  ? 3.340   2.900   4.112   1.00 70.24  ? 6   DC  A C5    1 
ATOM   121 C  C6    . DC  A 1 6  ? 3.712   2.840   5.396   1.00 72.88  ? 6   DC  A C6    1 
ATOM   122 P  P     . DG  A 1 7  ? 3.994   0.215   10.841  1.00 100.90 ? 7   DG  A P     1 
ATOM   123 O  OP1   . DG  A 1 7  ? 4.516   -0.139  12.186  1.00 106.88 ? 7   DG  A OP1   1 
ATOM   124 O  OP2   . DG  A 1 7  ? 4.274   -0.671  9.671   1.00 97.49  ? 7   DG  A OP2   1 
ATOM   125 O  "O5'" . DG  A 1 7  ? 2.411   0.393   10.899  1.00 98.96  ? 7   DG  A "O5'" 1 
ATOM   126 C  "C5'" . DG  A 1 7  ? 1.789   1.459   11.647  1.00 100.45 ? 7   DG  A "C5'" 1 
ATOM   127 C  "C4'" . DG  A 1 7  ? 0.297   1.440   11.409  1.00 97.94  ? 7   DG  A "C4'" 1 
ATOM   128 O  "O4'" . DG  A 1 7  ? 0.031   1.738   10.017  1.00 91.96  ? 7   DG  A "O4'" 1 
ATOM   129 C  "C3'" . DG  A 1 7  ? -0.385  0.095   11.674  1.00 98.11  ? 7   DG  A "C3'" 1 
ATOM   130 O  "O3'" . DG  A 1 7  ? -1.688  0.365   12.218  1.00 103.77 ? 7   DG  A "O3'" 1 
ATOM   131 C  "C2'" . DG  A 1 7  ? -0.404  -0.550  10.298  1.00 90.67  ? 7   DG  A "C2'" 1 
ATOM   132 C  "C1'" . DG  A 1 7  ? -0.652  0.650   9.409   1.00 85.88  ? 7   DG  A "C1'" 1 
ATOM   133 N  N9    . DG  A 1 7  ? -0.181  0.548   8.035   1.00 78.10  ? 7   DG  A N9    1 
ATOM   134 C  C8    . DG  A 1 7  ? 0.991   -0.003  7.577   1.00 75.53  ? 7   DG  A C8    1 
ATOM   135 N  N7    . DG  A 1 7  ? 1.131   0.098   6.283   1.00 71.76  ? 7   DG  A N7    1 
ATOM   136 C  C5    . DG  A 1 7  ? -0.014  0.762   5.866   1.00 70.89  ? 7   DG  A C5    1 
ATOM   137 C  C6    . DG  A 1 7  ? -0.422  1.168   4.568   1.00 69.07  ? 7   DG  A C6    1 
ATOM   138 O  O6    . DG  A 1 7  ? 0.158   0.997   3.488   1.00 70.00  ? 7   DG  A O6    1 
ATOM   139 N  N1    . DG  A 1 7  ? -1.652  1.819   4.599   1.00 68.40  ? 7   DG  A N1    1 
ATOM   140 C  C2    . DG  A 1 7  ? -2.390  2.056   5.731   1.00 71.74  ? 7   DG  A C2    1 
ATOM   141 N  N2    . DG  A 1 7  ? -3.546  2.710   5.559   1.00 73.32  ? 7   DG  A N2    1 
ATOM   142 N  N3    . DG  A 1 7  ? -2.013  1.698   6.946   1.00 73.84  ? 7   DG  A N3    1 
ATOM   143 C  C4    . DG  A 1 7  ? -0.829  1.053   6.937   1.00 73.60  ? 7   DG  A C4    1 
ATOM   144 P  P     . DT  A 1 8  ? -2.682  -0.823  12.639  1.00 105.97 ? 8   DT  A P     1 
ATOM   145 O  OP1   . DT  A 1 8  ? -3.091  -0.582  14.044  1.00 111.92 ? 8   DT  A OP1   1 
ATOM   146 O  OP2   . DT  A 1 8  ? -2.058  -2.126  12.258  1.00 102.47 ? 8   DT  A OP2   1 
ATOM   147 O  "O5'" . DT  A 1 8  ? -3.946  -0.590  11.693  1.00 100.97 ? 8   DT  A "O5'" 1 
ATOM   148 C  "C5'" . DT  A 1 8  ? -4.380  0.731   11.290  1.00 98.44  ? 8   DT  A "C5'" 1 
ATOM   149 C  "C4'" . DT  A 1 8  ? -5.468  0.621   10.247  1.00 95.42  ? 8   DT  A "C4'" 1 
ATOM   150 O  "O4'" . DT  A 1 8  ? -4.896  0.531   8.917   1.00 90.99  ? 8   DT  A "O4'" 1 
ATOM   151 C  "C3'" . DT  A 1 8  ? -6.357  -0.610  10.397  1.00 94.99  ? 8   DT  A "C3'" 1 
ATOM   152 O  "O3'" . DT  A 1 8  ? -7.717  -0.267  10.139  1.00 98.67  ? 8   DT  A "O3'" 1 
ATOM   153 C  "C2'" . DT  A 1 8  ? -5.812  -1.574  9.357   1.00 89.78  ? 8   DT  A "C2'" 1 
ATOM   154 C  "C1'" . DT  A 1 8  ? -5.365  -0.637  8.251   1.00 85.06  ? 8   DT  A "C1'" 1 
ATOM   155 N  N1    . DT  A 1 8  ? -4.274  -1.131  7.371   1.00 77.99  ? 8   DT  A N1    1 
ATOM   156 C  C2    . DT  A 1 8  ? -4.331  -0.830  6.027   1.00 74.09  ? 8   DT  A C2    1 
ATOM   157 O  O2    . DT  A 1 8  ? -5.246  -0.202  5.519   1.00 75.83  ? 8   DT  A O2    1 
ATOM   158 N  N3    . DT  A 1 8  ? -3.267  -1.290  5.294   1.00 71.11  ? 8   DT  A N3    1 
ATOM   159 C  C4    . DT  A 1 8  ? -2.180  -2.004  5.756   1.00 70.94  ? 8   DT  A C4    1 
ATOM   160 O  O4    . DT  A 1 8  ? -1.296  -2.346  4.974   1.00 69.30  ? 8   DT  A O4    1 
ATOM   161 C  C5    . DT  A 1 8  ? -2.187  -2.289  7.170   1.00 74.17  ? 8   DT  A C5    1 
ATOM   162 C  C7    . DT  A 1 8  ? -1.049  -3.062  7.759   1.00 75.89  ? 8   DT  A C7    1 
ATOM   163 C  C6    . DT  A 1 8  ? -3.216  -1.840  7.898   1.00 76.85  ? 8   DT  A C6    1 
ATOM   164 P  P     . DG  A 1 9  ? -8.886  -1.247  10.621  1.00 100.84 ? 9   DG  A P     1 
ATOM   165 O  OP1   . DG  A 1 9  ? -9.670  -0.543  11.673  1.00 106.90 ? 9   DG  A OP1   1 
ATOM   166 O  OP2   . DG  A 1 9  ? -8.288  -2.581  10.920  1.00 99.30  ? 9   DG  A OP2   1 
ATOM   167 O  "O5'" . DG  A 1 9  ? -9.820  -1.354  9.334   1.00 98.93  ? 9   DG  A "O5'" 1 
ATOM   168 C  "C5'" . DG  A 1 9  ? -9.644  -0.513  8.175   1.00 96.35  ? 9   DG  A "C5'" 1 
ATOM   169 C  "C4'" . DG  A 1 9  ? -9.836  -1.323  6.912   1.00 92.85  ? 9   DG  A "C4'" 1 
ATOM   170 O  "O4'" . DG  A 1 9  ? -8.549  -1.776  6.424   1.00 88.26  ? 9   DG  A "O4'" 1 
ATOM   171 C  "C3'" . DG  A 1 9  ? -10.690 -2.586  7.065   1.00 93.89  ? 9   DG  A "C3'" 1 
ATOM   172 O  "O3'" . DG  A 1 9  ? -11.535 -2.739  5.917   1.00 96.04  ? 9   DG  A "O3'" 1 
ATOM   173 C  "C2'" . DG  A 1 9  ? -9.656  -3.698  7.122   1.00 89.77  ? 9   DG  A "C2'" 1 
ATOM   174 C  "C1'" . DG  A 1 9  ? -8.635  -3.164  6.142   1.00 83.59  ? 9   DG  A "C1'" 1 
ATOM   175 N  N9    . DG  A 1 9  ? -7.288  -3.720  6.208   1.00 77.17  ? 9   DG  A N9    1 
ATOM   176 C  C8    . DG  A 1 9  ? -6.619  -4.221  7.302   1.00 76.63  ? 9   DG  A C8    1 
ATOM   177 N  N7    . DG  A 1 9  ? -5.408  -4.626  7.019   1.00 74.09  ? 9   DG  A N7    1 
ATOM   178 C  C5    . DG  A 1 9  ? -5.272  -4.375  5.660   1.00 70.52  ? 9   DG  A C5    1 
ATOM   179 C  C6    . DG  A 1 9  ? -4.181  -4.617  4.783   1.00 68.86  ? 9   DG  A C6    1 
ATOM   180 O  O6    . DG  A 1 9  ? -3.078  -5.117  5.041   1.00 70.29  ? 9   DG  A O6    1 
ATOM   181 N  N1    . DG  A 1 9  ? -4.475  -4.223  3.481   1.00 65.26  ? 9   DG  A N1    1 
ATOM   182 C  C2    . DG  A 1 9  ? -5.659  -3.660  3.074   1.00 65.05  ? 9   DG  A C2    1 
ATOM   183 N  N2    . DG  A 1 9  ? -5.750  -3.341  1.778   1.00 64.80  ? 9   DG  A N2    1 
ATOM   184 N  N3    . DG  A 1 9  ? -6.682  -3.432  3.878   1.00 67.47  ? 9   DG  A N3    1 
ATOM   185 C  C4    . DG  A 1 9  ? -6.423  -3.816  5.147   1.00 71.53  ? 9   DG  A C4    1 
ATOM   186 P  P     . DG  A 1 10 ? -13.054 -3.225  6.077   1.00 101.41 ? 10  DG  A P     1 
ATOM   187 O  OP1   . DG  A 1 10 ? -13.924 -2.014  6.121   1.00 104.59 ? 10  DG  A OP1   1 
ATOM   188 O  OP2   . DG  A 1 10 ? -13.116 -4.232  7.177   1.00 102.72 ? 10  DG  A OP2   1 
ATOM   189 O  "O5'" . DG  A 1 10 ? -13.312 -3.997  4.708   1.00 96.20  ? 10  DG  A "O5'" 1 
ATOM   190 C  "C5'" . DG  A 1 10 ? -13.189 -3.322  3.448   1.00 90.53  ? 10  DG  A "C5'" 1 
ATOM   191 C  "C4'" . DG  A 1 10 ? -12.497 -4.219  2.449   1.00 85.23  ? 10  DG  A "C4'" 1 
ATOM   192 O  "O4'" . DG  A 1 10 ? -11.139 -4.484  2.878   1.00 81.08  ? 10  DG  A "O4'" 1 
ATOM   193 C  "C3'" . DG  A 1 10 ? -13.148 -5.593  2.261   1.00 84.95  ? 10  DG  A "C3'" 1 
ATOM   194 O  "O3'" . DG  A 1 10 ? -13.124 -5.930  0.868   1.00 84.44  ? 10  DG  A "O3'" 1 
ATOM   195 C  "C2'" . DG  A 1 10 ? -12.229 -6.514  3.037   1.00 81.57  ? 10  DG  A "C2'" 1 
ATOM   196 C  "C1'" . DG  A 1 10 ? -10.910 -5.868  2.706   1.00 77.20  ? 10  DG  A "C1'" 1 
ATOM   197 N  N9    . DG  A 1 10 ? -9.765  -6.252  3.520   1.00 72.84  ? 10  DG  A N9    1 
ATOM   198 C  C8    . DG  A 1 10 ? -9.702  -6.459  4.878   1.00 72.68  ? 10  DG  A C8    1 
ATOM   199 N  N7    . DG  A 1 10 ? -8.513  -6.810  5.287   1.00 70.84  ? 10  DG  A N7    1 
ATOM   200 C  C5    . DG  A 1 10 ? -7.749  -6.844  4.128   1.00 67.89  ? 10  DG  A C5    1 
ATOM   201 C  C6    . DG  A 1 10 ? -6.378  -7.176  3.931   1.00 66.46  ? 10  DG  A C6    1 
ATOM   202 O  O6    . DG  A 1 10 ? -5.536  -7.518  4.774   1.00 68.71  ? 10  DG  A O6    1 
ATOM   203 N  N1    . DG  A 1 10 ? -6.020  -7.094  2.588   1.00 64.82  ? 10  DG  A N1    1 
ATOM   204 C  C2    . DG  A 1 10 ? -6.868  -6.745  1.564   1.00 65.09  ? 10  DG  A C2    1 
ATOM   205 N  N2    . DG  A 1 10 ? -6.336  -6.722  0.332   1.00 64.07  ? 10  DG  A N2    1 
ATOM   206 N  N3    . DG  A 1 10 ? -8.143  -6.438  1.732   1.00 66.97  ? 10  DG  A N3    1 
ATOM   207 C  C4    . DG  A 1 10 ? -8.512  -6.509  3.030   1.00 68.53  ? 10  DG  A C4    1 
ATOM   208 P  P     . DG  A 1 11 ? -13.986 -7.164  0.302   1.00 89.24  ? 11  DG  A P     1 
ATOM   209 O  OP1   . DG  A 1 11 ? -14.615 -6.739  -0.976  1.00 92.57  ? 11  DG  A OP1   1 
ATOM   210 O  OP2   . DG  A 1 11 ? -14.850 -7.693  1.399   1.00 92.09  ? 11  DG  A OP2   1 
ATOM   211 O  "O5'" . DG  A 1 11 ? -12.877 -8.264  -0.023  1.00 83.57  ? 11  DG  A "O5'" 1 
ATOM   212 C  "C5'" . DG  A 1 11 ? -11.680 -7.980  -0.769  1.00 77.40  ? 11  DG  A "C5'" 1 
ATOM   213 C  "C4'" . DG  A 1 11 ? -10.787 -9.196  -0.721  1.00 74.58  ? 11  DG  A "C4'" 1 
ATOM   214 O  "O4'" . DG  A 1 11 ? -10.275 -9.347  0.625   1.00 71.92  ? 11  DG  A "O4'" 1 
ATOM   215 C  "C3'" . DG  A 1 11 ? -11.519 -10.503 -1.020  1.00 77.61  ? 11  DG  A "C3'" 1 
ATOM   216 O  "O3'" . DG  A 1 11 ? -10.613 -11.465 -1.574  1.00 79.09  ? 11  DG  A "O3'" 1 
ATOM   217 C  "C2'" . DG  A 1 11 ? -11.984 -10.945 0.357   1.00 77.51  ? 11  DG  A "C2'" 1 
ATOM   218 C  "C1'" . DG  A 1 11 ? -10.821 -10.509 1.234   1.00 73.28  ? 11  DG  A "C1'" 1 
ATOM   219 N  N9    . DG  A 1 11 ? -11.141 -10.178 2.615   1.00 72.04  ? 11  DG  A N9    1 
ATOM   220 C  C8    . DG  A 1 11 ? -12.371 -9.903  3.164   1.00 74.27  ? 11  DG  A C8    1 
ATOM   221 N  N7    . DG  A 1 11 ? -12.309 -9.614  4.436   1.00 75.19  ? 11  DG  A N7    1 
ATOM   222 C  C5    . DG  A 1 11 ? -10.959 -9.710  4.745   1.00 73.30  ? 11  DG  A C5    1 
ATOM   223 C  C6    . DG  A 1 11 ? -10.283 -9.524  5.978   1.00 74.19  ? 11  DG  A C6    1 
ATOM   224 O  O6    . DG  A 1 11 ? -10.757 -9.221  7.081   1.00 76.34  ? 11  DG  A O6    1 
ATOM   225 N  N1    . DG  A 1 11 ? -8.912  -9.730  5.846   1.00 71.23  ? 11  DG  A N1    1 
ATOM   226 C  C2    . DG  A 1 11 ? -8.276  -10.084 4.681   1.00 70.64  ? 11  DG  A C2    1 
ATOM   227 N  N2    . DG  A 1 11 ? -6.941  -10.231 4.751   1.00 69.72  ? 11  DG  A N2    1 
ATOM   228 N  N3    . DG  A 1 11 ? -8.896  -10.266 3.527   1.00 70.31  ? 11  DG  A N3    1 
ATOM   229 C  C4    . DG  A 1 11 ? -10.227 -10.062 3.632   1.00 71.50  ? 11  DG  A C4    1 
ATOM   230 P  P     . DA  A 1 12 ? -11.083 -12.492 -2.694  1.00 83.13  ? 12  DA  A P     1 
ATOM   231 O  OP1   . DA  A 1 12 ? -12.031 -11.787 -3.601  1.00 84.94  ? 12  DA  A OP1   1 
ATOM   232 O  OP2   . DA  A 1 12 ? -11.491 -13.771 -2.026  1.00 84.46  ? 12  DA  A OP2   1 
ATOM   233 O  "O5'" . DA  A 1 12 ? -9.734  -12.726 -3.506  1.00 80.50  ? 12  DA  A "O5'" 1 
ATOM   234 C  "C5'" . DA  A 1 12 ? -8.911  -11.620 -3.898  1.00 78.24  ? 12  DA  A "C5'" 1 
ATOM   235 C  "C4'" . DA  A 1 12 ? -7.455  -12.014 -3.833  1.00 78.37  ? 12  DA  A "C4'" 1 
ATOM   236 O  "O4'" . DA  A 1 12 ? -7.036  -12.028 -2.450  1.00 76.27  ? 12  DA  A "O4'" 1 
ATOM   237 C  "C3'" . DA  A 1 12 ? -7.151  -13.413 -4.377  1.00 83.63  ? 12  DA  A "C3'" 1 
ATOM   238 O  "O3'" . DA  A 1 12 ? -5.908  -13.449 -5.110  1.00 92.95  ? 12  DA  A "O3'" 1 
ATOM   239 C  "C2'" . DA  A 1 12 ? -7.051  -14.255 -3.117  1.00 82.00  ? 12  DA  A "C2'" 1 
ATOM   240 C  "C1'" . DA  A 1 12 ? -6.413  -13.269 -2.170  1.00 76.26  ? 12  DA  A "C1'" 1 
ATOM   241 N  N9    . DA  A 1 12 ? -6.567  -13.540 -0.743  1.00 73.66  ? 12  DA  A N9    1 
ATOM   242 C  C8    . DA  A 1 12 ? -7.602  -13.187 0.088   1.00 72.42  ? 12  DA  A C8    1 
ATOM   243 N  N7    . DA  A 1 12 ? -7.420  -13.541 1.338   1.00 73.39  ? 12  DA  A N7    1 
ATOM   244 C  C5    . DA  A 1 12 ? -6.170  -14.145 1.334   1.00 73.36  ? 12  DA  A C5    1 
ATOM   245 C  C6    . DA  A 1 12 ? -5.395  -14.725 2.355   1.00 74.90  ? 12  DA  A C6    1 
ATOM   246 N  N6    . DA  A 1 12 ? -5.787  -14.805 3.628   1.00 76.93  ? 12  DA  A N6    1 
ATOM   247 N  N1    . DA  A 1 12 ? -4.198  -15.250 2.013   1.00 76.53  ? 12  DA  A N1    1 
ATOM   248 C  C2    . DA  A 1 12 ? -3.806  -15.172 0.735   1.00 75.35  ? 12  DA  A C2    1 
ATOM   249 N  N3    . DA  A 1 12 ? -4.438  -14.641 -0.310  1.00 73.07  ? 12  DA  A N3    1 
ATOM   250 C  C4    . DA  A 1 12 ? -5.631  -14.146 0.061   1.00 72.97  ? 12  DA  A C4    1 
ATOM   251 P  P     . DG  A 1 13 ? -5.864  -13.598 -6.747  1.00 98.84  ? 13  DG  A P     1 
ATOM   252 O  OP1   . DG  A 1 13 ? -4.523  -14.129 -7.115  1.00 99.24  ? 13  DG  A OP1   1 
ATOM   253 O  OP2   . DG  A 1 13 ? -6.344  -12.312 -7.344  1.00 95.95  ? 13  DG  A OP2   1 
ATOM   254 O  "O5'" . DG  A 1 13 ? -6.899  -14.771 -7.066  1.00 101.12 ? 13  DG  A "O5'" 1 
HETATM 255 MG MG    . MG  B 2 .  ? 14.894  6.611   -6.227  1.00 95.28  ? 101 MG  A MG    1 
HETATM 256 O  O     . HOH C 3 .  ? 8.444   2.370   -0.243  1.00 73.65  ? 201 HOH A O     1 
HETATM 257 O  O     . HOH C 3 .  ? 14.231  8.067   -7.450  1.00 82.28  ? 202 HOH A O     1 
# 
loop_
_atom_site_anisotrop.id 
_atom_site_anisotrop.type_symbol 
_atom_site_anisotrop.pdbx_label_atom_id 
_atom_site_anisotrop.pdbx_label_alt_id 
_atom_site_anisotrop.pdbx_label_comp_id 
_atom_site_anisotrop.pdbx_label_asym_id 
_atom_site_anisotrop.pdbx_label_seq_id 
_atom_site_anisotrop.pdbx_PDB_ins_code 
_atom_site_anisotrop.U[1][1] 
_atom_site_anisotrop.U[2][2] 
_atom_site_anisotrop.U[3][3] 
_atom_site_anisotrop.U[1][2] 
_atom_site_anisotrop.U[1][3] 
_atom_site_anisotrop.U[2][3] 
_atom_site_anisotrop.pdbx_auth_seq_id 
_atom_site_anisotrop.pdbx_auth_comp_id 
_atom_site_anisotrop.pdbx_auth_asym_id 
_atom_site_anisotrop.pdbx_auth_atom_id 
1   O "O5'" . DG A 1  ? 1.1211 1.1775 0.9132 -0.0038 0.1491  0.1145  1  DG A "O5'" 
2   C "C5'" . DG A 1  ? 1.1345 1.1344 0.9097 -0.0179 0.1433  0.1280  1  DG A "C5'" 
3   C "C4'" . DG A 1  ? 1.0891 1.0781 0.8978 -0.0039 0.1384  0.1184  1  DG A "C4'" 
4   O "O4'" . DG A 1  ? 1.0555 1.0189 0.8819 0.0285  0.1243  0.1175  1  DG A "O4'" 
5   C "C3'" . DG A 1  ? 1.0447 1.0900 0.8883 -0.0089 0.1443  0.1038  1  DG A "C3'" 
6   O "O3'" . DG A 1  ? 1.0801 1.0927 0.9199 -0.0269 0.1457  0.1015  1  DG A "O3'" 
7   C "C2'" . DG A 1  ? 0.9833 1.0450 0.8586 0.0281  0.1354  0.0938  1  DG A "C2'" 
8   C "C1'" . DG A 1  ? 0.9735 0.9729 0.8371 0.0437  0.1236  0.1003  1  DG A "C1'" 
9   N N9    . DG A 1  ? 0.9150 0.9203 0.7898 0.0710  0.1133  0.0958  1  DG A N9    
10  C C8    . DG A 1  ? 0.8780 0.8686 0.7748 0.0918  0.1038  0.0902  1  DG A C8    
11  N N7    . DG A 1  ? 0.8698 0.8709 0.7667 0.1063  0.0961  0.0864  1  DG A N7    
12  C C5    . DG A 1  ? 0.8971 0.9163 0.7673 0.0951  0.1027  0.0880  1  DG A C5    
13  C C6    . DG A 1  ? 0.9309 0.9607 0.7793 0.0961  0.1026  0.0819  1  DG A C6    
14  O O6    . DG A 1  ? 0.9696 0.9963 0.8177 0.1055  0.0941  0.0745  1  DG A O6    
15  N N1    . DG A 1  ? 0.9586 1.0029 0.7779 0.0787  0.1164  0.0832  1  DG A N1    
16  C C2    . DG A 1  ? 0.9789 1.0326 0.7947 0.0616  0.1272  0.0909  1  DG A C2    
17  N N2    . DG A 1  ? 1.0384 1.1103 0.8250 0.0437  0.1428  0.0900  1  DG A N2    
18  N N3    . DG A 1  ? 0.9546 0.9990 0.7891 0.0571  0.1254  0.0970  1  DG A N3    
19  C C4    . DG A 1  ? 0.9121 0.9369 0.7714 0.0748  0.1136  0.0944  1  DG A C4    
20  P P     . DG A 2  ? 1.0636 1.1307 0.9300 -0.0430 0.1466  0.0915  2  DG A P     
21  O OP1   . DG A 2  ? 1.1216 1.1383 0.9582 -0.0787 0.1536  0.0884  2  DG A OP1   
22  O OP2   . DG A 2  ? 1.0655 1.2196 0.9550 -0.0497 0.1515  0.0944  2  DG A OP2   
23  O "O5'" . DG A 2  ? 0.9945 1.0676 0.8944 -0.0054 0.1356  0.0829  2  DG A "O5'" 
24  C "C5'" . DG A 2  ? 0.9551 0.9657 0.8506 0.0089  0.1321  0.0776  2  DG A "C5'" 
25  C "C4'" . DG A 2  ? 0.8826 0.9150 0.8096 0.0399  0.1228  0.0700  2  DG A "C4'" 
26  O "O4'" . DG A 2  ? 0.8568 0.9023 0.7911 0.0665  0.1185  0.0721  2  DG A "O4'" 
27  C "C3'" . DG A 2  ? 0.8671 0.9617 0.8179 0.0343  0.1198  0.0682  2  DG A "C3'" 
28  O "O3'" . DG A 2  ? 0.8553 0.9351 0.8161 0.0443  0.1141  0.0605  2  DG A "O3'" 
29  C "C2'" . DG A 2  ? 0.8191 0.9600 0.7915 0.0594  0.1205  0.0719  2  DG A "C2'" 
30  C "C1'" . DG A 2  ? 0.8052 0.8992 0.7658 0.0820  0.1178  0.0674  2  DG A "C1'" 
31  N N9    . DG A 2  ? 0.7856 0.8956 0.7428 0.0961  0.1233  0.0672  2  DG A N9    
32  C C8    . DG A 2  ? 0.7987 0.9448 0.7520 0.0868  0.1355  0.0711  2  DG A C8    
33  N N7    . DG A 2  ? 0.8159 0.9600 0.7578 0.0999  0.1427  0.0656  2  DG A N7    
34  C C5    . DG A 2  ? 0.8013 0.9083 0.7387 0.1164  0.1316  0.0591  2  DG A C5    
35  C C6    . DG A 2  ? 0.8352 0.9239 0.7541 0.1273  0.1326  0.0500  2  DG A C6    
36  O O6    . DG A 2  ? 0.9019 0.9967 0.7993 0.1252  0.1464  0.0436  2  DG A O6    
37  N N1    . DG A 2  ? 0.8058 0.8672 0.7288 0.1366  0.1180  0.0464  2  DG A N1    
38  C C2    . DG A 2  ? 0.7694 0.8200 0.7131 0.1383  0.1077  0.0498  2  DG A C2    
39  N N2    . DG A 2  ? 0.7678 0.7987 0.7164 0.1466  0.0975  0.0448  2  DG A N2    
40  N N3    . DG A 2  ? 0.7672 0.8273 0.7227 0.1278  0.1096  0.0557  2  DG A N3    
41  C C4    . DG A 2  ? 0.7782 0.8673 0.7293 0.1161  0.1199  0.0607  2  DG A C4    
42  P P     . DA A 3  ? 0.8851 0.9868 0.8427 0.0145  0.1115  0.0588  3  DA A P     
43  O OP1   . DA A 3  ? 0.9223 1.0075 0.8483 -0.0290 0.1206  0.0577  3  DA A OP1   
44  O OP2   . DA A 3  ? 0.8602 1.0338 0.8501 0.0272  0.1015  0.0699  3  DA A OP2   
45  O "O5'" . DA A 3  ? 0.9000 0.9460 0.8503 0.0221  0.1136  0.0454  3  DA A "O5'" 
46  C "C5'" . DA A 3  ? 0.9291 0.9109 0.8705 0.0347  0.1227  0.0384  3  DA A "C5'" 
47  C "C4'" . DA A 3  ? 0.9139 0.8719 0.8665 0.0511  0.1236  0.0275  3  DA A "C4'" 
48  O "O4'" . DA A 3  ? 0.8764 0.8548 0.8525 0.0838  0.1126  0.0310  3  DA A "O4'" 
49  C "C3'" . DA A 3  ? 0.9309 0.9067 0.8769 0.0304  0.1219  0.0209  3  DA A "C3'" 
50  O "O3'" . DA A 3  ? 1.0023 0.9343 0.9434 0.0300  0.1341  0.0053  3  DA A "O3'" 
51  C "C2'" . DA A 3  ? 0.8602 0.8863 0.8304 0.0534  0.1061  0.0311  3  DA A "C2'" 
52  C "C1'" . DA A 3  ? 0.8341 0.8407 0.8194 0.0868  0.1056  0.0293  3  DA A "C1'" 
53  N N9    . DA A 3  ? 0.7808 0.8181 0.7801 0.1095  0.0985  0.0367  3  DA A N9    
54  C C8    . DA A 3  ? 0.8129 0.8798 0.8147 0.1120  0.0993  0.0458  3  DA A C8    
55  N N7    . DA A 3  ? 0.8122 0.8930 0.8240 0.1348  0.0996  0.0467  3  DA A N7    
56  C C5    . DA A 3  ? 0.7718 0.8278 0.7848 0.1457  0.0965  0.0386  3  DA A C5    
57  C C6    . DA A 3  ? 0.7855 0.8310 0.7993 0.1647  0.0979  0.0334  3  DA A C6    
58  N N6    . DA A 3  ? 0.8189 0.8731 0.8321 0.1798  0.1061  0.0339  3  DA A N6    
59  N N1    . DA A 3  ? 0.7685 0.7897 0.7799 0.1646  0.0947  0.0254  3  DA A N1    
60  C C2    . DA A 3  ? 0.7851 0.7963 0.7969 0.1497  0.0926  0.0220  3  DA A C2    
61  N N3    . DA A 3  ? 0.7818 0.7948 0.7912 0.1331  0.0946  0.0242  3  DA A N3    
62  C C4    . DA A 3  ? 0.7753 0.8095 0.7834 0.1307  0.0952  0.0331  3  DA A C4    
63  P P     . DC A 4  ? 1.0876 0.9560 0.9977 0.0013  0.1605  -0.0112 4  DC A P     
64  O OP1   . DC A 4  ? 1.1253 0.9682 1.0382 0.0041  0.1737  -0.0277 4  DC A OP1   
65  O OP2   . DC A 4  ? 1.1035 0.9316 1.0122 0.0119  0.1709  -0.0052 4  DC A OP2   
66  O "O5'" . DC A 4  ? 1.0838 0.9759 0.9571 -0.0495 0.1583  -0.0119 4  DC A "O5'" 
67  C "C5'" . DC A 4  ? 1.0364 0.9718 0.9049 -0.0660 0.1447  -0.0099 4  DC A "C5'" 
68  C "C4'" . DC A 4  ? 1.0643 1.0084 0.8876 -0.1251 0.1475  -0.0140 4  DC A "C4'" 
69  O "O4'" . DC A 4  ? 1.1013 0.9656 0.8841 -0.1529 0.1797  -0.0377 4  DC A "O4'" 
70  C "C3'" . DC A 4  ? 1.0613 1.0374 0.8676 -0.1501 0.1359  -0.0125 4  DC A "C3'" 
71  O "O3'" . DC A 4  ? 1.1033 1.1523 0.9003 -0.1852 0.1133  0.0079  4  DC A "O3'" 
72  C "C2'" . DC A 4  ? 1.1035 1.0064 0.8638 -0.1829 0.1668  -0.0427 4  DC A "C2'" 
73  C "C1'" . DC A 4  ? 1.1231 0.9581 0.8685 -0.1867 0.1952  -0.0580 4  DC A "C1'" 
74  N N1    . DC A 4  ? 1.1091 0.8680 0.8626 -0.1595 0.2275  -0.0792 4  DC A N1    
75  C C2    . DC A 4  ? 1.1379 0.8527 0.8553 -0.1886 0.2546  -0.1054 4  DC A C2    
76  O O2    . DC A 4  ? 1.1414 0.8797 0.8128 -0.2410 0.2476  -0.1094 4  DC A O2    
77  N N3    . DC A 4  ? 1.1542 0.8070 0.8887 -0.1600 0.2883  -0.1241 4  DC A N3    
78  C C4    . DC A 4  ? 1.1327 0.7723 0.9188 -0.1053 0.2900  -0.1130 4  DC A C4    
79  N N4    . DC A 4  ? 1.1645 0.7545 0.9761 -0.0754 0.3225  -0.1269 4  DC A N4    
80  C C5    . DC A 4  ? 1.0904 0.7715 0.9048 -0.0801 0.2593  -0.0857 4  DC A C5    
81  C C6    . DC A 4  ? 1.0779 0.8150 0.8743 -0.1080 0.2316  -0.0720 4  DC A C6    
82  P P     . DA A 5  ? 1.0803 1.2096 0.9051 -0.1711 0.0813  0.0378  5  DA A P     
83  O OP1   . DA A 5  ? 1.0972 1.3125 0.9264 -0.2020 0.0595  0.0633  5  DA A OP1   
84  O OP2   . DA A 5  ? 1.0269 1.1506 0.8993 -0.1067 0.0778  0.0444  5  DA A OP2   
85  O "O5'" . DA A 5  ? 1.1045 1.2051 0.8845 -0.2052 0.0859  0.0252  5  DA A "O5'" 
86  C "C5'" . DA A 5  ? 1.1750 1.2659 0.8915 -0.2763 0.0936  0.0121  5  DA A "C5'" 
87  C "C4'" . DA A 5  ? 1.2090 1.2786 0.8867 -0.3011 0.0967  0.0031  5  DA A "C4'" 
88  O "O4'" . DA A 5  ? 1.2199 1.2000 0.8870 -0.2862 0.1341  -0.0328 5  DA A "O4'" 
89  C "C3'" . DA A 5  ? 1.1736 1.2919 0.8841 -0.2666 0.0679  0.0341  5  DA A "C3'" 
90  O "O3'" . DA A 5  ? 1.2525 1.3866 0.9078 -0.3219 0.0577  0.0398  5  DA A "O3'" 
91  C "C2'" . DA A 5  ? 1.1268 1.1850 0.8674 -0.2127 0.0881  0.0156  5  DA A "C2'" 
92  C "C1'" . DA A 5  ? 1.1536 1.1321 0.8576 -0.2378 0.1287  -0.0266 5  DA A "C1'" 
93  N N9    . DA A 5  ? 1.0820 1.0107 0.8248 -0.1895 0.1517  -0.0444 5  DA A N9    
94  C C8    . DA A 5  ? 1.0224 0.9661 0.8175 -0.1385 0.1419  -0.0313 5  DA A C8    
95  N N7    . DA A 5  ? 1.0088 0.9036 0.8253 -0.1091 0.1648  -0.0488 5  DA A N7    
96  C C5    . DA A 5  ? 1.0428 0.8857 0.8249 -0.1376 0.1955  -0.0764 5  DA A C5    
97  C C6    . DA A 5  ? 1.0443 0.8272 0.8365 -0.1221 0.2317  -0.1012 5  DA A C6    
98  N N6    . DA A 5  ? 1.0187 0.7894 0.8601 -0.0737 0.2366  -0.0974 5  DA A N6    
99  N N1    . DA A 5  ? 1.1029 0.8422 0.8540 -0.1581 0.2639  -0.1284 5  DA A N1    
100 C C2    . DA A 5  ? 1.1584 0.9132 0.8527 -0.2131 0.2561  -0.1300 5  DA A C2    
101 N N3    . DA A 5  ? 1.1473 0.9636 0.8271 -0.2343 0.2174  -0.1033 5  DA A N3    
102 C C4    . DA A 5  ? 1.0861 0.9449 0.8170 -0.1904 0.1897  -0.0768 5  DA A C4    
103 P P     . DC A 6  ? 1.2565 1.4379 0.9233 -0.3061 0.0258  0.0778  6  DC A P     
104 O OP1   . DC A 6  ? 1.2962 1.5533 0.9273 -0.3647 -0.0056 0.1087  6  DC A OP1   
105 O OP2   . DC A 6  ? 1.1922 1.3911 0.9328 -0.2295 0.0150  0.0994  6  DC A OP2   
106 O "O5'" . DC A 6  ? 1.2473 1.3519 0.8749 -0.3155 0.0528  0.0468  6  DC A "O5'" 
107 C "C5'" . DC A 6  ? 1.2990 1.3417 0.8626 -0.3701 0.0885  0.0038  6  DC A "C5'" 
108 C "C4'" . DC A 6  ? 1.2865 1.2609 0.8493 -0.3495 0.1211  -0.0265 6  DC A "C4'" 
109 O "O4'" . DC A 6  ? 1.2082 1.1413 0.8212 -0.2994 0.1466  -0.0490 6  DC A "O4'" 
110 C "C3'" . DC A 6  ? 1.2658 1.2572 0.8525 -0.3152 0.1006  -0.0009 6  DC A "C3'" 
111 O "O3'" . DC A 6  ? 1.3931 1.3737 0.9159 -0.3656 0.1027  -0.0028 6  DC A "O3'" 
112 C "C2'" . DC A 6  ? 1.1974 1.1420 0.8320 -0.2619 0.1271  -0.0253 6  DC A "C2'" 
113 C "C1'" . DC A 6  ? 1.1769 1.0817 0.8156 -0.2643 0.1603  -0.0594 6  DC A "C1'" 
114 N N1    . DC A 6  ? 1.0953 0.9924 0.8001 -0.2032 0.1648  -0.0613 6  DC A N1    
115 C C2    . DC A 6  ? 1.0856 0.9333 0.8103 -0.1842 0.2012  -0.0924 6  DC A C2    
116 O O2    . DC A 6  ? 1.1484 0.9570 0.8379 -0.2160 0.2338  -0.1205 6  DC A O2    
117 N N3    . DC A 6  ? 1.0264 0.8733 0.8086 -0.1322 0.2011  -0.0896 6  DC A N3    
118 C C4    . DC A 6  ? 0.9827 0.8682 0.7949 -0.1031 0.1705  -0.0628 6  DC A C4    
119 N N4    . DC A 6  ? 0.9445 0.8274 0.8038 -0.0589 0.1711  -0.0614 6  DC A N4    
120 C C5    . DC A 6  ? 0.9799 0.9123 0.7766 -0.1181 0.1390  -0.0344 6  DC A C5    
121 C C6    . DC A 6  ? 1.0274 0.9677 0.7739 -0.1664 0.1351  -0.0320 6  DC A C6    
122 P P     . DG A 7  ? 1.4413 1.4231 0.9692 -0.3439 0.0871  0.0214  7  DG A P     
123 O OP1   . DG A 7  ? 1.5308 1.5398 0.9901 -0.4037 0.0644  0.0465  7  DG A OP1   
124 O OP2   . DG A 7  ? 1.3662 1.3716 0.9666 -0.2736 0.0650  0.0502  7  DG A OP2   
125 O "O5'" . DG A 7  ? 1.4397 1.3549 0.9654 -0.3390 0.1332  -0.0250 7  DG A "O5'" 
126 C "C5'" . DG A 7  ? 1.4902 1.3605 0.9659 -0.3878 0.1761  -0.0698 7  DG A "C5'" 
127 C "C4'" . DG A 7  ? 1.4633 1.2892 0.9687 -0.3612 0.2167  -0.1047 7  DG A "C4'" 
128 O "O4'" . DG A 7  ? 1.3622 1.1871 0.9446 -0.2988 0.2212  -0.1094 7  DG A "O4'" 
129 C "C3'" . DG A 7  ? 1.4634 1.2921 0.9723 -0.3501 0.2071  -0.0901 7  DG A "C3'" 
130 O "O3'" . DG A 7  ? 1.5521 1.3429 1.0475 -0.3688 0.2543  -0.1307 7  DG A "O3'" 
131 C "C2'" . DG A 7  ? 1.3376 1.1844 0.9233 -0.2810 0.1864  -0.0705 7  DG A "C2'" 
132 C "C1'" . DG A 7  ? 1.2664 1.1005 0.8960 -0.2547 0.2110  -0.0976 7  DG A "C1'" 
133 N N9    . DG A 7  ? 1.1405 0.9972 0.8297 -0.2014 0.1886  -0.0788 7  DG A N9    
134 C C8    . DG A 7  ? 1.0923 0.9852 0.7923 -0.1842 0.1503  -0.0423 7  DG A C8    
135 N N7    . DG A 7  ? 1.0237 0.9264 0.7763 -0.1384 0.1439  -0.0376 7  DG A N7    
136 C C5    . DG A 7  ? 1.0134 0.8879 0.7920 -0.1245 0.1752  -0.0688 7  DG A C5    
137 C C6    . DG A 7  ? 0.9728 0.8464 0.8050 -0.0818 0.1808  -0.0747 7  DG A C6    
138 O O6    . DG A 7  ? 0.9685 0.8615 0.8298 -0.0505 0.1609  -0.0574 7  DG A O6    
139 N N1    . DG A 7  ? 0.9657 0.8156 0.8174 -0.0775 0.2141  -0.1023 7  DG A N1    
140 C C2    . DG A 7  ? 1.0249 0.8521 0.8489 -0.1098 0.2444  -0.1262 7  DG A C2    
141 N N2    . DG A 7  ? 1.0378 0.8501 0.8980 -0.0937 0.2785  -0.1495 7  DG A N2    
142 N N3    . DG A 7  ? 1.0728 0.8946 0.8380 -0.1549 0.2426  -0.1257 7  DG A N3    
143 C C4    . DG A 7  ? 1.0679 0.9156 0.8132 -0.1599 0.2045  -0.0943 7  DG A C4    
144 P P     . DT A 8  ? 1.5840 1.3686 1.0737 -0.3717 0.2594  -0.1287 8  DT A P     
145 O OP1   . DT A 8  ? 1.6936 1.4531 1.1058 -0.4388 0.2900  -0.1528 8  DT A OP1   
146 O OP2   . DT A 8  ? 1.5280 1.3362 1.0290 -0.3457 0.2112  -0.0810 8  DT A OP2   
147 O "O5'" . DT A 8  ? 1.4966 1.2751 1.0648 -0.3233 0.2915  -0.1572 8  DT A "O5'" 
148 C "C5'" . DT A 8  ? 1.4577 1.2207 1.0621 -0.3069 0.3295  -0.1905 8  DT A "C5'" 
149 C "C4'" . DT A 8  ? 1.3859 1.1643 1.0754 -0.2534 0.3421  -0.1989 8  DT A "C4'" 
150 O "O4'" . DT A 8  ? 1.3058 1.1057 1.0459 -0.2041 0.3074  -0.1739 8  DT A "O4'" 
151 C "C3'" . DT A 8  ? 1.3725 1.1665 1.0703 -0.2561 0.3395  -0.1947 8  DT A "C3'" 
152 O "O3'" . DT A 8  ? 1.3954 1.2017 1.1520 -0.2373 0.3781  -0.2220 8  DT A "O3'" 
153 C "C2'" . DT A 8  ? 1.2907 1.1048 1.0156 -0.2194 0.2921  -0.1593 8  DT A "C2'" 
154 C "C1'" . DT A 8  ? 1.2113 1.0345 0.9860 -0.1778 0.2859  -0.1573 8  DT A "C1'" 
155 N N1    . DT A 8  ? 1.1145 0.9510 0.8978 -0.1502 0.2427  -0.1244 8  DT A N1    
156 C C2    . DT A 8  ? 1.0406 0.8927 0.8820 -0.1051 0.2344  -0.1203 8  DT A C2    
157 O O2    . DT A 8  ? 1.0443 0.9037 0.9332 -0.0849 0.2561  -0.1375 8  DT A O2    
158 N N3    . DT A 8  ? 0.9987 0.8611 0.8421 -0.0840 0.2003  -0.0928 8  DT A N3    
159 C C4    . DT A 8  ? 1.0092 0.8727 0.8133 -0.0970 0.1743  -0.0666 8  DT A C4    
160 O O4    . DT A 8  ? 0.9790 0.8560 0.7983 -0.0706 0.1499  -0.0438 8  DT A O4    
161 C C5    . DT A 8  ? 1.0733 0.9241 0.8209 -0.1424 0.1796  -0.0665 8  DT A C5    
162 C C7    . DT A 8  ? 1.1056 0.9646 0.8131 -0.1564 0.1483  -0.0306 8  DT A C7    
163 C C6    . DT A 8  ? 1.1164 0.9521 0.8515 -0.1694 0.2133  -0.0967 8  DT A C6    
164 P P     . DG A 9  ? 1.4169 1.2395 1.1750 -0.2581 0.3943  -0.2314 9  DG A P     
165 O OP1   . DG A 9  ? 1.5039 1.3126 1.2452 -0.2913 0.4512  -0.2693 9  DG A OP1   
166 O OP2   . DG A 9  ? 1.4194 1.2326 1.1211 -0.2810 0.3551  -0.2015 9  DG A OP2   
167 O "O5'" . DG A 9  ? 1.3459 1.2134 1.1997 -0.2076 0.3921  -0.2298 9  DG A "O5'" 
168 C "C5'" . DG A 9  ? 1.2873 1.1694 1.2040 -0.1573 0.3839  -0.2234 9  DG A "C5'" 
169 C "C4'" . DG A 9  ? 1.2157 1.1339 1.1782 -0.1254 0.3479  -0.2010 9  DG A "C4'" 
170 O "O4'" . DG A 9  ? 1.1762 1.0738 1.1036 -0.1171 0.3056  -0.1743 9  DG A "O4'" 
171 C "C3'" . DG A 9  ? 1.2230 1.1626 1.1819 -0.1478 0.3450  -0.2012 9  DG A "C3'" 
172 O "O3'" . DG A 9  ? 1.2086 1.2003 1.2401 -0.1187 0.3367  -0.1967 9  DG A "O3'" 
173 C "C2'" . DG A 9  ? 1.2045 1.1086 1.0979 -0.1625 0.3073  -0.1764 9  DG A "C2'" 
174 C "C1'" . DG A 9  ? 1.1211 1.0222 1.0330 -0.1238 0.2807  -0.1590 9  DG A "C1'" 
175 N N9    . DG A 9  ? 1.0670 0.9376 0.9276 -0.1262 0.2491  -0.1337 9  DG A N9    
176 C C8    . DG A 9  ? 1.0922 0.9337 0.8858 -0.1593 0.2424  -0.1224 9  DG A C8    
177 N N7    . DG A 9  ? 1.0704 0.9009 0.8439 -0.1456 0.2109  -0.0940 9  DG A N7    
178 C C5    . DG A 9  ? 1.0022 0.8503 0.8271 -0.1038 0.1996  -0.0908 9  DG A C5    
179 C C6    . DG A 9  ? 0.9783 0.8268 0.8111 -0.0731 0.1723  -0.0673 9  DG A C6    
180 O O6    . DG A 9  ? 1.0094 0.8477 0.8135 -0.0720 0.1519  -0.0415 9  DG A O6    
181 N N1    . DG A 9  ? 0.9096 0.7775 0.7922 -0.0412 0.1709  -0.0737 9  DG A N1    
182 C C2    . DG A 9  ? 0.8852 0.7758 0.8106 -0.0359 0.1888  -0.0942 9  DG A C2    
183 N N2    . DG A 9  ? 0.8614 0.7727 0.8280 -0.0058 0.1795  -0.0914 9  DG A N2    
184 N N3    . DG A 9  ? 0.9123 0.8094 0.8417 -0.0587 0.2145  -0.1139 9  DG A N3    
185 C C4    . DG A 9  ? 0.9901 0.8622 0.8656 -0.0930 0.2204  -0.1136 9  DG A C4    
186 P P     . DG A 10 ? 1.2448 1.2901 1.3183 -0.1366 0.3597  -0.2115 10 DG A P     
187 O OP1   . DG A 10 ? 1.2456 1.3329 1.3954 -0.1121 0.3981  -0.2278 10 DG A OP1   
188 O OP2   . DG A 10 ? 1.2957 1.3096 1.2976 -0.1883 0.3676  -0.2183 10 DG A OP2   
189 O "O5'" . DG A 10 ? 1.1557 1.2381 1.2614 -0.1208 0.3233  -0.1930 10 DG A "O5'" 
190 C "C5'" . DG A 10 ? 1.0547 1.1679 1.2168 -0.0765 0.3039  -0.1787 10 DG A "C5'" 
191 C "C4'" . DG A 10 ? 1.0053 1.0987 1.1342 -0.0736 0.2631  -0.1599 10 DG A "C4'" 
192 O "O4'" . DG A 10 ? 0.9995 1.0229 1.0582 -0.0776 0.2509  -0.1519 10 DG A "O4'" 
193 C "C3'" . DG A 10 ? 1.0054 1.1099 1.1125 -0.1083 0.2535  -0.1615 10 DG A "C3'" 
194 O "O3'" . DG A 10 ? 0.9868 1.1126 1.1088 -0.0951 0.2243  -0.1486 10 DG A "O3'" 
195 C "C2'" . DG A 10 ? 1.0181 1.0434 1.0378 -0.1329 0.2487  -0.1580 10 DG A "C2'" 
196 C "C1'" . DG A 10 ? 0.9773 0.9700 0.9860 -0.0986 0.2323  -0.1440 10 DG A "C1'" 
197 N N9    . DG A 10 ? 0.9648 0.8957 0.9069 -0.1085 0.2265  -0.1339 10 DG A N9    
198 C C8    . DG A 10 ? 0.9879 0.8903 0.8832 -0.1406 0.2418  -0.1381 10 DG A C8    
199 N N7    . DG A 10 ? 0.9969 0.8544 0.8404 -0.1410 0.2254  -0.1190 10 DG A N7    
200 C C5    . DG A 10 ? 0.9544 0.8099 0.8152 -0.1052 0.2018  -0.1040 10 DG A C5    
201 C C6    . DG A 10 ? 0.9555 0.7804 0.7891 -0.0861 0.1795  -0.0793 10 DG A C6    
202 O O6    . DG A 10 ? 1.0079 0.8049 0.7979 -0.0962 0.1713  -0.0609 10 DG A O6    
203 N N1    . DG A 10 ? 0.9213 0.7566 0.7852 -0.0528 0.1657  -0.0744 10 DG A N1    
204 C C2    . DG A 10 ? 0.8977 0.7686 0.8067 -0.0423 0.1683  -0.0880 10 DG A C2    
205 N N2    . DG A 10 ? 0.8789 0.7530 0.8024 -0.0151 0.1535  -0.0802 10 DG A N2    
206 N N3    . DG A 10 ? 0.8996 0.8059 0.8389 -0.0580 0.1845  -0.1060 10 DG A N3    
207 C C4    . DG A 10 ? 0.9305 0.8270 0.8462 -0.0876 0.2026  -0.1143 10 DG A C4    
208 P P     . DG A 11 ? 1.0430 1.1941 1.1536 -0.1323 0.2138  -0.1520 11 DG A P     
209 O OP1   . DG A 11 ? 1.0386 1.2669 1.2117 -0.1164 0.1955  -0.1426 11 DG A OP1   
210 O OP2   . DG A 11 ? 1.0797 1.2398 1.1794 -0.1737 0.2395  -0.1678 11 DG A OP2   
211 O "O5'" . DG A 11 ? 1.0284 1.0913 1.0554 -0.1402 0.1957  -0.1448 11 DG A "O5'" 
212 C "C5'" . DG A 11 ? 0.9668 0.9946 0.9796 -0.1052 0.1770  -0.1312 11 DG A "C5'" 
213 C "C4'" . DG A 11 ? 0.9849 0.9273 0.9214 -0.1161 0.1717  -0.1264 11 DG A "C4'" 
214 O "O4'" . DG A 11 ? 0.9787 0.8749 0.8791 -0.1229 0.1836  -0.1229 11 DG A "O4'" 
215 C "C3'" . DG A 11 ? 1.0431 0.9656 0.9403 -0.1583 0.1739  -0.1360 11 DG A "C3'" 
216 O "O3'" . DG A 11 ? 1.1082 0.9513 0.9454 -0.1541 0.1680  -0.1301 11 DG A "O3'" 
217 C "C2'" . DG A 11 ? 1.0569 0.9596 0.9286 -0.1908 0.1934  -0.1423 11 DG A "C2'" 
218 C "C1'" . DG A 11 ? 1.0239 0.8836 0.8769 -0.1642 0.1943  -0.1287 11 DG A "C1'" 
219 N N9    . DG A 11 ? 1.0070 0.8738 0.8562 -0.1834 0.2125  -0.1338 11 DG A N9    
220 C C8    . DG A 11 ? 1.0072 0.9274 0.8873 -0.2114 0.2331  -0.1514 11 DG A C8    
221 N N7    . DG A 11 ? 1.0299 0.9369 0.8900 -0.2262 0.2508  -0.1548 11 DG A N7    
222 C C5    . DG A 11 ? 1.0415 0.8881 0.8553 -0.2086 0.2361  -0.1350 11 DG A C5    
223 C C6    . DG A 11 ? 1.0785 0.8918 0.8486 -0.2197 0.2411  -0.1264 11 DG A C6    
224 O O6    . DG A 11 ? 1.1076 0.9295 0.8635 -0.2500 0.2633  -0.1387 11 DG A O6    
225 N N1    . DG A 11 ? 1.0651 0.8358 0.8054 -0.1944 0.2176  -0.1003 11 DG A N1    
226 C C2    . DG A 11 ? 1.0590 0.8148 0.8103 -0.1607 0.1981  -0.0877 11 DG A C2    
227 N N2    . DG A 11 ? 1.0658 0.7892 0.7940 -0.1369 0.1803  -0.0615 11 DG A N2    
228 N N3    . DG A 11 ? 1.0373 0.8142 0.8201 -0.1532 0.1967  -0.0995 11 DG A N3    
229 C C4    . DG A 11 ? 1.0269 0.8509 0.8390 -0.1793 0.2136  -0.1214 11 DG A C4    
230 P P     . DA A 12 ? 1.1786 1.0012 0.9786 -0.1853 0.1651  -0.1415 12 DA A P     
231 O OP1   . DA A 12 ? 1.1497 1.0707 1.0068 -0.1931 0.1520  -0.1469 12 DA A OP1   
232 O OP2   . DA A 12 ? 1.2382 0.9952 0.9756 -0.2292 0.1814  -0.1492 12 DA A OP2   
233 O "O5'" . DA A 12 ? 1.1770 0.9359 0.9457 -0.1500 0.1599  -0.1325 12 DA A "O5'" 
234 C "C5'" . DA A 12 ? 1.1231 0.9157 0.9340 -0.1044 0.1479  -0.1205 12 DA A "C5'" 
235 C "C4'" . DA A 12 ? 1.1599 0.8798 0.9380 -0.0713 0.1518  -0.1070 12 DA A "C4'" 
236 O "O4'" . DA A 12 ? 1.1430 0.8400 0.9151 -0.0645 0.1566  -0.0935 12 DA A "O4'" 
237 C "C3'" . DA A 12 ? 1.2780 0.9092 0.9904 -0.0835 0.1654  -0.1133 12 DA A "C3'" 
238 O "O3'" . DA A 12 ? 1.4098 1.0071 1.1148 -0.0453 0.1677  -0.1053 12 DA A "O3'" 
239 C "C2'" . DA A 12 ? 1.2911 0.8583 0.9661 -0.0936 0.1775  -0.1037 12 DA A "C2'" 
240 C "C1'" . DA A 12 ? 1.1912 0.7991 0.9073 -0.0637 0.1671  -0.0842 12 DA A "C1'" 
241 N N9    . DA A 12 ? 1.1714 0.7592 0.8683 -0.0803 0.1715  -0.0737 12 DA A N9    
242 C C8    . DA A 12 ? 1.1380 0.7670 0.8465 -0.1136 0.1749  -0.0839 12 DA A C8    
243 N N7    . DA A 12 ? 1.1718 0.7672 0.8493 -0.1255 0.1794  -0.0701 12 DA A N7    
244 C C5    . DA A 12 ? 1.2014 0.7349 0.8512 -0.0941 0.1750  -0.0447 12 DA A C5    
245 C C6    . DA A 12 ? 1.2500 0.7322 0.8638 -0.0872 0.1727  -0.0143 12 DA A C6    
246 N N6    . DA A 12 ? 1.2859 0.7643 0.8726 -0.1189 0.1744  -0.0070 12 DA A N6    
247 N N1    . DA A 12 ? 1.2882 0.7252 0.8944 -0.0465 0.1691  0.0109  12 DA A N1    
248 C C2    . DA A 12 ? 1.2650 0.7043 0.8938 -0.0181 0.1718  0.0008  12 DA A C2    
249 N N3    . DA A 12 ? 1.2140 0.6947 0.8677 -0.0264 0.1733  -0.0287 12 DA A N3    
250 C C4    . DA A 12 ? 1.1930 0.7217 0.8580 -0.0643 0.1728  -0.0482 12 DA A C4    
251 P P     . DG A 13 ? 1.4924 1.0853 1.1779 -0.0510 0.1701  -0.1217 13 DG A P     
252 O OP1   . DG A 13 ? 1.5284 1.0526 1.1896 -0.0146 0.1867  -0.1145 13 DG A OP1   
253 O OP2   . DG A 13 ? 1.4054 1.0962 1.1439 -0.0501 0.1482  -0.1217 13 DG A OP2   
254 O "O5'" . DG A 13 ? 1.5570 1.1023 1.1825 -0.1064 0.1832  -0.1446 13 DG A "O5'" 
# 
loop_
_pdbx_poly_seq_scheme.asym_id 
_pdbx_poly_seq_scheme.entity_id 
_pdbx_poly_seq_scheme.seq_id 
_pdbx_poly_seq_scheme.mon_id 
_pdbx_poly_seq_scheme.ndb_seq_num 
_pdbx_poly_seq_scheme.pdb_seq_num 
_pdbx_poly_seq_scheme.auth_seq_num 
_pdbx_poly_seq_scheme.pdb_mon_id 
_pdbx_poly_seq_scheme.auth_mon_id 
_pdbx_poly_seq_scheme.pdb_strand_id 
_pdbx_poly_seq_scheme.pdb_ins_code 
_pdbx_poly_seq_scheme.hetero 
A 1 1  DG 1  1  1  DG DG A . n 
A 1 2  DG 2  2  2  DG DG A . n 
A 1 3  DA 3  3  3  DA DA A . n 
A 1 4  DC 4  4  4  DC DC A . n 
A 1 5  DA 5  5  5  DA DA A . n 
A 1 6  DC 6  6  6  DC DC A . n 
A 1 7  DG 7  7  7  DG DG A . n 
A 1 8  DT 8  8  8  DT DT A . n 
A 1 9  DG 9  9  9  DG DG A . n 
A 1 10 DG 10 10 10 DG DG A . n 
A 1 11 DG 11 11 11 DG DG A . n 
A 1 12 DA 12 12 12 DA DA A . n 
A 1 13 DG 13 13 13 DG DG A . n 
# 
loop_
_pdbx_nonpoly_scheme.asym_id 
_pdbx_nonpoly_scheme.entity_id 
_pdbx_nonpoly_scheme.mon_id 
_pdbx_nonpoly_scheme.ndb_seq_num 
_pdbx_nonpoly_scheme.pdb_seq_num 
_pdbx_nonpoly_scheme.auth_seq_num 
_pdbx_nonpoly_scheme.pdb_mon_id 
_pdbx_nonpoly_scheme.auth_mon_id 
_pdbx_nonpoly_scheme.pdb_strand_id 
_pdbx_nonpoly_scheme.pdb_ins_code 
B 2 MG  1 101 2 MG  MG  A . 
C 3 HOH 1 201 1 HOH HOH A . 
C 3 HOH 2 202 2 HOH HOH A . 
# 
_pdbx_struct_assembly.id                   1 
_pdbx_struct_assembly.details              author_defined_assembly 
_pdbx_struct_assembly.method_details       ? 
_pdbx_struct_assembly.oligomeric_details   dimeric 
_pdbx_struct_assembly.oligomeric_count     2 
# 
_pdbx_struct_assembly_gen.assembly_id       1 
_pdbx_struct_assembly_gen.oper_expression   1,2 
_pdbx_struct_assembly_gen.asym_id_list      A,B,C 
# 
loop_
_pdbx_struct_oper_list.id 
_pdbx_struct_oper_list.type 
_pdbx_struct_oper_list.name 
_pdbx_struct_oper_list.symmetry_operation 
_pdbx_struct_oper_list.matrix[1][1] 
_pdbx_struct_oper_list.matrix[1][2] 
_pdbx_struct_oper_list.matrix[1][3] 
_pdbx_struct_oper_list.vector[1] 
_pdbx_struct_oper_list.matrix[2][1] 
_pdbx_struct_oper_list.matrix[2][2] 
_pdbx_struct_oper_list.matrix[2][3] 
_pdbx_struct_oper_list.vector[2] 
_pdbx_struct_oper_list.matrix[3][1] 
_pdbx_struct_oper_list.matrix[3][2] 
_pdbx_struct_oper_list.matrix[3][3] 
_pdbx_struct_oper_list.vector[3] 
1 'identity operation'         1_555 x,y,z     1.0000000000  0.0000000000  0.0000000000  0.0000000000 0.0000000000  1.0000000000  0.0000000000 0.0000000000 0.0000000000  0.0000000000 1.0000000000 0.0000000000 
2 'crystal symmetry operation' 4_545 -x,-y-1,z -0.3073993837 -0.2192893606 -0.9259685714 2.9609519182 -0.2192893606 -0.9305691873 0.2931777003 5.4637126626 -0.9259685714 0.2931777003 0.2379685710 0.9207905038 
# 
loop_
_pdbx_audit_revision_history.ordinal 
_pdbx_audit_revision_history.data_content_type 
_pdbx_audit_revision_history.major_revision 
_pdbx_audit_revision_history.minor_revision 
_pdbx_audit_revision_history.revision_date 
1 'Structure model' 1 0 2015-06-17 
2 'Structure model' 1 1 2015-09-09 
3 'Structure model' 1 2 2023-09-20 
# 
_pdbx_audit_revision_details.ordinal             1 
_pdbx_audit_revision_details.revision_ordinal    1 
_pdbx_audit_revision_details.data_content_type   'Structure model' 
_pdbx_audit_revision_details.provider            repository 
_pdbx_audit_revision_details.type                'Initial release' 
_pdbx_audit_revision_details.description         ? 
_pdbx_audit_revision_details.details             ? 
# 
loop_
_pdbx_audit_revision_group.ordinal 
_pdbx_audit_revision_group.revision_ordinal 
_pdbx_audit_revision_group.data_content_type 
_pdbx_audit_revision_group.group 
1 2 'Structure model' 'Database references'    
2 3 'Structure model' 'Data collection'        
3 3 'Structure model' 'Database references'    
4 3 'Structure model' 'Derived calculations'   
5 3 'Structure model' 'Refinement description' 
# 
loop_
_pdbx_audit_revision_category.ordinal 
_pdbx_audit_revision_category.revision_ordinal 
_pdbx_audit_revision_category.data_content_type 
_pdbx_audit_revision_category.category 
1 3 'Structure model' chem_comp_atom                
2 3 'Structure model' chem_comp_bond                
3 3 'Structure model' database_2                    
4 3 'Structure model' pdbx_initial_refinement_model 
5 3 'Structure model' struct_site                   
# 
loop_
_pdbx_audit_revision_item.ordinal 
_pdbx_audit_revision_item.revision_ordinal 
_pdbx_audit_revision_item.data_content_type 
_pdbx_audit_revision_item.item 
1 3 'Structure model' '_database_2.pdbx_DOI'                
2 3 'Structure model' '_database_2.pdbx_database_accession' 
3 3 'Structure model' '_struct_site.pdbx_auth_asym_id'      
4 3 'Structure model' '_struct_site.pdbx_auth_comp_id'      
5 3 'Structure model' '_struct_site.pdbx_auth_seq_id'       
# 
_pdbx_refine_tls.pdbx_refine_id   'X-RAY DIFFRACTION' 
_pdbx_refine_tls.id               1 
_pdbx_refine_tls.details          ? 
_pdbx_refine_tls.method           refined 
_pdbx_refine_tls.origin_x         -0.0550 
_pdbx_refine_tls.origin_y         0.1133 
_pdbx_refine_tls.origin_z         0.0123 
_pdbx_refine_tls.T[1][1]          0.2703 
_pdbx_refine_tls.T[2][2]          0.1932 
_pdbx_refine_tls.T[3][3]          0.2265 
_pdbx_refine_tls.T[1][2]          0.0457 
_pdbx_refine_tls.T[1][3]          0.1326 
_pdbx_refine_tls.T[2][3]          -0.0360 
_pdbx_refine_tls.L[1][1]          4.7951 
_pdbx_refine_tls.L[2][2]          4.8902 
_pdbx_refine_tls.L[3][3]          7.6901 
_pdbx_refine_tls.L[1][2]          3.4524 
_pdbx_refine_tls.L[1][3]          -2.4199 
_pdbx_refine_tls.L[2][3]          -1.3814 
_pdbx_refine_tls.S[1][1]          0.5998 
_pdbx_refine_tls.S[1][2]          -0.4094 
_pdbx_refine_tls.S[1][3]          0.2282 
_pdbx_refine_tls.S[2][1]          0.6111 
_pdbx_refine_tls.S[2][2]          -0.6547 
_pdbx_refine_tls.S[2][3]          0.3227 
_pdbx_refine_tls.S[3][1]          -0.1212 
_pdbx_refine_tls.S[3][2]          0.2610 
_pdbx_refine_tls.S[3][3]          0.0548 
# 
_pdbx_refine_tls_group.pdbx_refine_id      'X-RAY DIFFRACTION' 
_pdbx_refine_tls_group.id                  1 
_pdbx_refine_tls_group.refine_tls_id       1 
_pdbx_refine_tls_group.beg_auth_asym_id    A 
_pdbx_refine_tls_group.beg_auth_seq_id     1 
_pdbx_refine_tls_group.beg_label_asym_id   ? 
_pdbx_refine_tls_group.beg_label_seq_id    ? 
_pdbx_refine_tls_group.end_auth_asym_id    A 
_pdbx_refine_tls_group.end_auth_seq_id     13 
_pdbx_refine_tls_group.end_label_asym_id   ? 
_pdbx_refine_tls_group.end_label_seq_id    ? 
_pdbx_refine_tls_group.selection           ? 
_pdbx_refine_tls_group.selection_details   ? 
# 
_software.name             REFMAC 
_software.classification   refinement 
_software.version          5.8.0073 
_software.citation_id      ? 
_software.pdbx_ordinal     1 
# 
_pdbx_validate_rmsd_angle.id                         1 
_pdbx_validate_rmsd_angle.PDB_model_num              1 
_pdbx_validate_rmsd_angle.auth_atom_id_1             "C5'" 
_pdbx_validate_rmsd_angle.auth_asym_id_1             A 
_pdbx_validate_rmsd_angle.auth_comp_id_1             DG 
_pdbx_validate_rmsd_angle.auth_seq_id_1              1 
_pdbx_validate_rmsd_angle.PDB_ins_code_1             ? 
_pdbx_validate_rmsd_angle.label_alt_id_1             ? 
_pdbx_validate_rmsd_angle.auth_atom_id_2             "C4'" 
_pdbx_validate_rmsd_angle.auth_asym_id_2             A 
_pdbx_validate_rmsd_angle.auth_comp_id_2             DG 
_pdbx_validate_rmsd_angle.auth_seq_id_2              1 
_pdbx_validate_rmsd_angle.PDB_ins_code_2             ? 
_pdbx_validate_rmsd_angle.label_alt_id_2             ? 
_pdbx_validate_rmsd_angle.auth_atom_id_3             "O4'" 
_pdbx_validate_rmsd_angle.auth_asym_id_3             A 
_pdbx_validate_rmsd_angle.auth_comp_id_3             DG 
_pdbx_validate_rmsd_angle.auth_seq_id_3              1 
_pdbx_validate_rmsd_angle.PDB_ins_code_3             ? 
_pdbx_validate_rmsd_angle.label_alt_id_3             ? 
_pdbx_validate_rmsd_angle.angle_value                117.90 
_pdbx_validate_rmsd_angle.angle_target_value         109.80 
_pdbx_validate_rmsd_angle.angle_deviation            8.10 
_pdbx_validate_rmsd_angle.angle_standard_deviation   1.10 
_pdbx_validate_rmsd_angle.linker_flag                N 
# 
loop_
_pdbx_unobs_or_zero_occ_atoms.id 
_pdbx_unobs_or_zero_occ_atoms.PDB_model_num 
_pdbx_unobs_or_zero_occ_atoms.polymer_flag 
_pdbx_unobs_or_zero_occ_atoms.occupancy_flag 
_pdbx_unobs_or_zero_occ_atoms.auth_asym_id 
_pdbx_unobs_or_zero_occ_atoms.auth_comp_id 
_pdbx_unobs_or_zero_occ_atoms.auth_seq_id 
_pdbx_unobs_or_zero_occ_atoms.PDB_ins_code 
_pdbx_unobs_or_zero_occ_atoms.auth_atom_id 
_pdbx_unobs_or_zero_occ_atoms.label_alt_id 
_pdbx_unobs_or_zero_occ_atoms.label_asym_id 
_pdbx_unobs_or_zero_occ_atoms.label_comp_id 
_pdbx_unobs_or_zero_occ_atoms.label_seq_id 
_pdbx_unobs_or_zero_occ_atoms.label_atom_id 
1  1 Y 1 A DG 13 ? "C5'" ? A DG 13 "C5'" 
2  1 Y 1 A DG 13 ? "C4'" ? A DG 13 "C4'" 
3  1 Y 1 A DG 13 ? "O4'" ? A DG 13 "O4'" 
4  1 Y 1 A DG 13 ? "C3'" ? A DG 13 "C3'" 
5  1 Y 1 A DG 13 ? "O3'" ? A DG 13 "O3'" 
6  1 Y 1 A DG 13 ? "C2'" ? A DG 13 "C2'" 
7  1 Y 1 A DG 13 ? "C1'" ? A DG 13 "C1'" 
8  1 Y 1 A DG 13 ? N9    ? A DG 13 N9    
9  1 Y 1 A DG 13 ? C8    ? A DG 13 C8    
10 1 Y 1 A DG 13 ? N7    ? A DG 13 N7    
11 1 Y 1 A DG 13 ? C5    ? A DG 13 C5    
12 1 Y 1 A DG 13 ? C6    ? A DG 13 C6    
13 1 Y 1 A DG 13 ? O6    ? A DG 13 O6    
14 1 Y 1 A DG 13 ? N1    ? A DG 13 N1    
15 1 Y 1 A DG 13 ? C2    ? A DG 13 C2    
16 1 Y 1 A DG 13 ? N2    ? A DG 13 N2    
17 1 Y 1 A DG 13 ? N3    ? A DG 13 N3    
18 1 Y 1 A DG 13 ? C4    ? A DG 13 C4    
# 
loop_
_chem_comp_atom.comp_id 
_chem_comp_atom.atom_id 
_chem_comp_atom.type_symbol 
_chem_comp_atom.pdbx_aromatic_flag 
_chem_comp_atom.pdbx_stereo_config 
_chem_comp_atom.pdbx_ordinal 
DA  OP3    O  N N 1   
DA  P      P  N N 2   
DA  OP1    O  N N 3   
DA  OP2    O  N N 4   
DA  "O5'"  O  N N 5   
DA  "C5'"  C  N N 6   
DA  "C4'"  C  N R 7   
DA  "O4'"  O  N N 8   
DA  "C3'"  C  N S 9   
DA  "O3'"  O  N N 10  
DA  "C2'"  C  N N 11  
DA  "C1'"  C  N R 12  
DA  N9     N  Y N 13  
DA  C8     C  Y N 14  
DA  N7     N  Y N 15  
DA  C5     C  Y N 16  
DA  C6     C  Y N 17  
DA  N6     N  N N 18  
DA  N1     N  Y N 19  
DA  C2     C  Y N 20  
DA  N3     N  Y N 21  
DA  C4     C  Y N 22  
DA  HOP3   H  N N 23  
DA  HOP2   H  N N 24  
DA  "H5'"  H  N N 25  
DA  "H5''" H  N N 26  
DA  "H4'"  H  N N 27  
DA  "H3'"  H  N N 28  
DA  "HO3'" H  N N 29  
DA  "H2'"  H  N N 30  
DA  "H2''" H  N N 31  
DA  "H1'"  H  N N 32  
DA  H8     H  N N 33  
DA  H61    H  N N 34  
DA  H62    H  N N 35  
DA  H2     H  N N 36  
DC  OP3    O  N N 37  
DC  P      P  N N 38  
DC  OP1    O  N N 39  
DC  OP2    O  N N 40  
DC  "O5'"  O  N N 41  
DC  "C5'"  C  N N 42  
DC  "C4'"  C  N R 43  
DC  "O4'"  O  N N 44  
DC  "C3'"  C  N S 45  
DC  "O3'"  O  N N 46  
DC  "C2'"  C  N N 47  
DC  "C1'"  C  N R 48  
DC  N1     N  N N 49  
DC  C2     C  N N 50  
DC  O2     O  N N 51  
DC  N3     N  N N 52  
DC  C4     C  N N 53  
DC  N4     N  N N 54  
DC  C5     C  N N 55  
DC  C6     C  N N 56  
DC  HOP3   H  N N 57  
DC  HOP2   H  N N 58  
DC  "H5'"  H  N N 59  
DC  "H5''" H  N N 60  
DC  "H4'"  H  N N 61  
DC  "H3'"  H  N N 62  
DC  "HO3'" H  N N 63  
DC  "H2'"  H  N N 64  
DC  "H2''" H  N N 65  
DC  "H1'"  H  N N 66  
DC  H41    H  N N 67  
DC  H42    H  N N 68  
DC  H5     H  N N 69  
DC  H6     H  N N 70  
DG  OP3    O  N N 71  
DG  P      P  N N 72  
DG  OP1    O  N N 73  
DG  OP2    O  N N 74  
DG  "O5'"  O  N N 75  
DG  "C5'"  C  N N 76  
DG  "C4'"  C  N R 77  
DG  "O4'"  O  N N 78  
DG  "C3'"  C  N S 79  
DG  "O3'"  O  N N 80  
DG  "C2'"  C  N N 81  
DG  "C1'"  C  N R 82  
DG  N9     N  Y N 83  
DG  C8     C  Y N 84  
DG  N7     N  Y N 85  
DG  C5     C  Y N 86  
DG  C6     C  N N 87  
DG  O6     O  N N 88  
DG  N1     N  N N 89  
DG  C2     C  N N 90  
DG  N2     N  N N 91  
DG  N3     N  N N 92  
DG  C4     C  Y N 93  
DG  HOP3   H  N N 94  
DG  HOP2   H  N N 95  
DG  "H5'"  H  N N 96  
DG  "H5''" H  N N 97  
DG  "H4'"  H  N N 98  
DG  "H3'"  H  N N 99  
DG  "HO3'" H  N N 100 
DG  "H2'"  H  N N 101 
DG  "H2''" H  N N 102 
DG  "H1'"  H  N N 103 
DG  H8     H  N N 104 
DG  H1     H  N N 105 
DG  H21    H  N N 106 
DG  H22    H  N N 107 
DT  OP3    O  N N 108 
DT  P      P  N N 109 
DT  OP1    O  N N 110 
DT  OP2    O  N N 111 
DT  "O5'"  O  N N 112 
DT  "C5'"  C  N N 113 
DT  "C4'"  C  N R 114 
DT  "O4'"  O  N N 115 
DT  "C3'"  C  N S 116 
DT  "O3'"  O  N N 117 
DT  "C2'"  C  N N 118 
DT  "C1'"  C  N R 119 
DT  N1     N  N N 120 
DT  C2     C  N N 121 
DT  O2     O  N N 122 
DT  N3     N  N N 123 
DT  C4     C  N N 124 
DT  O4     O  N N 125 
DT  C5     C  N N 126 
DT  C7     C  N N 127 
DT  C6     C  N N 128 
DT  HOP3   H  N N 129 
DT  HOP2   H  N N 130 
DT  "H5'"  H  N N 131 
DT  "H5''" H  N N 132 
DT  "H4'"  H  N N 133 
DT  "H3'"  H  N N 134 
DT  "HO3'" H  N N 135 
DT  "H2'"  H  N N 136 
DT  "H2''" H  N N 137 
DT  "H1'"  H  N N 138 
DT  H3     H  N N 139 
DT  H71    H  N N 140 
DT  H72    H  N N 141 
DT  H73    H  N N 142 
DT  H6     H  N N 143 
HOH O      O  N N 144 
HOH H1     H  N N 145 
HOH H2     H  N N 146 
MG  MG     MG N N 147 
# 
loop_
_chem_comp_bond.comp_id 
_chem_comp_bond.atom_id_1 
_chem_comp_bond.atom_id_2 
_chem_comp_bond.value_order 
_chem_comp_bond.pdbx_aromatic_flag 
_chem_comp_bond.pdbx_stereo_config 
_chem_comp_bond.pdbx_ordinal 
DA  OP3   P      sing N N 1   
DA  OP3   HOP3   sing N N 2   
DA  P     OP1    doub N N 3   
DA  P     OP2    sing N N 4   
DA  P     "O5'"  sing N N 5   
DA  OP2   HOP2   sing N N 6   
DA  "O5'" "C5'"  sing N N 7   
DA  "C5'" "C4'"  sing N N 8   
DA  "C5'" "H5'"  sing N N 9   
DA  "C5'" "H5''" sing N N 10  
DA  "C4'" "O4'"  sing N N 11  
DA  "C4'" "C3'"  sing N N 12  
DA  "C4'" "H4'"  sing N N 13  
DA  "O4'" "C1'"  sing N N 14  
DA  "C3'" "O3'"  sing N N 15  
DA  "C3'" "C2'"  sing N N 16  
DA  "C3'" "H3'"  sing N N 17  
DA  "O3'" "HO3'" sing N N 18  
DA  "C2'" "C1'"  sing N N 19  
DA  "C2'" "H2'"  sing N N 20  
DA  "C2'" "H2''" sing N N 21  
DA  "C1'" N9     sing N N 22  
DA  "C1'" "H1'"  sing N N 23  
DA  N9    C8     sing Y N 24  
DA  N9    C4     sing Y N 25  
DA  C8    N7     doub Y N 26  
DA  C8    H8     sing N N 27  
DA  N7    C5     sing Y N 28  
DA  C5    C6     sing Y N 29  
DA  C5    C4     doub Y N 30  
DA  C6    N6     sing N N 31  
DA  C6    N1     doub Y N 32  
DA  N6    H61    sing N N 33  
DA  N6    H62    sing N N 34  
DA  N1    C2     sing Y N 35  
DA  C2    N3     doub Y N 36  
DA  C2    H2     sing N N 37  
DA  N3    C4     sing Y N 38  
DC  OP3   P      sing N N 39  
DC  OP3   HOP3   sing N N 40  
DC  P     OP1    doub N N 41  
DC  P     OP2    sing N N 42  
DC  P     "O5'"  sing N N 43  
DC  OP2   HOP2   sing N N 44  
DC  "O5'" "C5'"  sing N N 45  
DC  "C5'" "C4'"  sing N N 46  
DC  "C5'" "H5'"  sing N N 47  
DC  "C5'" "H5''" sing N N 48  
DC  "C4'" "O4'"  sing N N 49  
DC  "C4'" "C3'"  sing N N 50  
DC  "C4'" "H4'"  sing N N 51  
DC  "O4'" "C1'"  sing N N 52  
DC  "C3'" "O3'"  sing N N 53  
DC  "C3'" "C2'"  sing N N 54  
DC  "C3'" "H3'"  sing N N 55  
DC  "O3'" "HO3'" sing N N 56  
DC  "C2'" "C1'"  sing N N 57  
DC  "C2'" "H2'"  sing N N 58  
DC  "C2'" "H2''" sing N N 59  
DC  "C1'" N1     sing N N 60  
DC  "C1'" "H1'"  sing N N 61  
DC  N1    C2     sing N N 62  
DC  N1    C6     sing N N 63  
DC  C2    O2     doub N N 64  
DC  C2    N3     sing N N 65  
DC  N3    C4     doub N N 66  
DC  C4    N4     sing N N 67  
DC  C4    C5     sing N N 68  
DC  N4    H41    sing N N 69  
DC  N4    H42    sing N N 70  
DC  C5    C6     doub N N 71  
DC  C5    H5     sing N N 72  
DC  C6    H6     sing N N 73  
DG  OP3   P      sing N N 74  
DG  OP3   HOP3   sing N N 75  
DG  P     OP1    doub N N 76  
DG  P     OP2    sing N N 77  
DG  P     "O5'"  sing N N 78  
DG  OP2   HOP2   sing N N 79  
DG  "O5'" "C5'"  sing N N 80  
DG  "C5'" "C4'"  sing N N 81  
DG  "C5'" "H5'"  sing N N 82  
DG  "C5'" "H5''" sing N N 83  
DG  "C4'" "O4'"  sing N N 84  
DG  "C4'" "C3'"  sing N N 85  
DG  "C4'" "H4'"  sing N N 86  
DG  "O4'" "C1'"  sing N N 87  
DG  "C3'" "O3'"  sing N N 88  
DG  "C3'" "C2'"  sing N N 89  
DG  "C3'" "H3'"  sing N N 90  
DG  "O3'" "HO3'" sing N N 91  
DG  "C2'" "C1'"  sing N N 92  
DG  "C2'" "H2'"  sing N N 93  
DG  "C2'" "H2''" sing N N 94  
DG  "C1'" N9     sing N N 95  
DG  "C1'" "H1'"  sing N N 96  
DG  N9    C8     sing Y N 97  
DG  N9    C4     sing Y N 98  
DG  C8    N7     doub Y N 99  
DG  C8    H8     sing N N 100 
DG  N7    C5     sing Y N 101 
DG  C5    C6     sing N N 102 
DG  C5    C4     doub Y N 103 
DG  C6    O6     doub N N 104 
DG  C6    N1     sing N N 105 
DG  N1    C2     sing N N 106 
DG  N1    H1     sing N N 107 
DG  C2    N2     sing N N 108 
DG  C2    N3     doub N N 109 
DG  N2    H21    sing N N 110 
DG  N2    H22    sing N N 111 
DG  N3    C4     sing N N 112 
DT  OP3   P      sing N N 113 
DT  OP3   HOP3   sing N N 114 
DT  P     OP1    doub N N 115 
DT  P     OP2    sing N N 116 
DT  P     "O5'"  sing N N 117 
DT  OP2   HOP2   sing N N 118 
DT  "O5'" "C5'"  sing N N 119 
DT  "C5'" "C4'"  sing N N 120 
DT  "C5'" "H5'"  sing N N 121 
DT  "C5'" "H5''" sing N N 122 
DT  "C4'" "O4'"  sing N N 123 
DT  "C4'" "C3'"  sing N N 124 
DT  "C4'" "H4'"  sing N N 125 
DT  "O4'" "C1'"  sing N N 126 
DT  "C3'" "O3'"  sing N N 127 
DT  "C3'" "C2'"  sing N N 128 
DT  "C3'" "H3'"  sing N N 129 
DT  "O3'" "HO3'" sing N N 130 
DT  "C2'" "C1'"  sing N N 131 
DT  "C2'" "H2'"  sing N N 132 
DT  "C2'" "H2''" sing N N 133 
DT  "C1'" N1     sing N N 134 
DT  "C1'" "H1'"  sing N N 135 
DT  N1    C2     sing N N 136 
DT  N1    C6     sing N N 137 
DT  C2    O2     doub N N 138 
DT  C2    N3     sing N N 139 
DT  N3    C4     sing N N 140 
DT  N3    H3     sing N N 141 
DT  C4    O4     doub N N 142 
DT  C4    C5     sing N N 143 
DT  C5    C7     sing N N 144 
DT  C5    C6     doub N N 145 
DT  C7    H71    sing N N 146 
DT  C7    H72    sing N N 147 
DT  C7    H73    sing N N 148 
DT  C6    H6     sing N N 149 
HOH O     H1     sing N N 150 
HOH O     H2     sing N N 151 
# 
loop_
_ndb_struct_conf_na.entry_id 
_ndb_struct_conf_na.feature 
4ROG 'double helix'         
4ROG 'parallel strands'     
4ROG 'mismatched base pair' 
# 
loop_
_ndb_struct_na_base_pair.model_number 
_ndb_struct_na_base_pair.i_label_asym_id 
_ndb_struct_na_base_pair.i_label_comp_id 
_ndb_struct_na_base_pair.i_label_seq_id 
_ndb_struct_na_base_pair.i_symmetry 
_ndb_struct_na_base_pair.j_label_asym_id 
_ndb_struct_na_base_pair.j_label_comp_id 
_ndb_struct_na_base_pair.j_label_seq_id 
_ndb_struct_na_base_pair.j_symmetry 
_ndb_struct_na_base_pair.shear 
_ndb_struct_na_base_pair.stretch 
_ndb_struct_na_base_pair.stagger 
_ndb_struct_na_base_pair.buckle 
_ndb_struct_na_base_pair.propeller 
_ndb_struct_na_base_pair.opening 
_ndb_struct_na_base_pair.pair_number 
_ndb_struct_na_base_pair.pair_name 
_ndb_struct_na_base_pair.i_auth_asym_id 
_ndb_struct_na_base_pair.i_auth_seq_id 
_ndb_struct_na_base_pair.i_PDB_ins_code 
_ndb_struct_na_base_pair.j_auth_asym_id 
_ndb_struct_na_base_pair.j_auth_seq_id 
_ndb_struct_na_base_pair.j_PDB_ins_code 
_ndb_struct_na_base_pair.hbond_type_28 
_ndb_struct_na_base_pair.hbond_type_12 
1 A DG 1 1_555 A DG 10 5_555 -5.777 -0.795 -0.331 2.641   -2.620 -114.264 1 A_DG1:DG10_A A 1 ? A 10 ? 7 4  
1 A DG 2 1_555 A DG 11 5_555 3.060  8.238  -0.668 -0.995  26.335 171.652  2 A_DG2:DG11_A A 2 ? A 11 ? 4 12 
1 A DA 3 1_555 A DA 12 5_555 -6.032 5.018  0.346  -11.047 31.994 -178.250 3 A_DA3:DA12_A A 3 ? A 12 ? 2 7  
# 
loop_
_ndb_struct_na_base_pair_step.model_number 
_ndb_struct_na_base_pair_step.i_label_asym_id_1 
_ndb_struct_na_base_pair_step.i_label_comp_id_1 
_ndb_struct_na_base_pair_step.i_label_seq_id_1 
_ndb_struct_na_base_pair_step.i_symmetry_1 
_ndb_struct_na_base_pair_step.j_label_asym_id_1 
_ndb_struct_na_base_pair_step.j_label_comp_id_1 
_ndb_struct_na_base_pair_step.j_label_seq_id_1 
_ndb_struct_na_base_pair_step.j_symmetry_1 
_ndb_struct_na_base_pair_step.i_label_asym_id_2 
_ndb_struct_na_base_pair_step.i_label_comp_id_2 
_ndb_struct_na_base_pair_step.i_label_seq_id_2 
_ndb_struct_na_base_pair_step.i_symmetry_2 
_ndb_struct_na_base_pair_step.j_label_asym_id_2 
_ndb_struct_na_base_pair_step.j_label_comp_id_2 
_ndb_struct_na_base_pair_step.j_label_seq_id_2 
_ndb_struct_na_base_pair_step.j_symmetry_2 
_ndb_struct_na_base_pair_step.shift 
_ndb_struct_na_base_pair_step.slide 
_ndb_struct_na_base_pair_step.rise 
_ndb_struct_na_base_pair_step.tilt 
_ndb_struct_na_base_pair_step.roll 
_ndb_struct_na_base_pair_step.twist 
_ndb_struct_na_base_pair_step.x_displacement 
_ndb_struct_na_base_pair_step.y_displacement 
_ndb_struct_na_base_pair_step.helical_rise 
_ndb_struct_na_base_pair_step.inclination 
_ndb_struct_na_base_pair_step.tip 
_ndb_struct_na_base_pair_step.helical_twist 
_ndb_struct_na_base_pair_step.step_number 
_ndb_struct_na_base_pair_step.step_name 
_ndb_struct_na_base_pair_step.i_auth_asym_id_1 
_ndb_struct_na_base_pair_step.i_auth_seq_id_1 
_ndb_struct_na_base_pair_step.i_PDB_ins_code_1 
_ndb_struct_na_base_pair_step.j_auth_asym_id_1 
_ndb_struct_na_base_pair_step.j_auth_seq_id_1 
_ndb_struct_na_base_pair_step.j_PDB_ins_code_1 
_ndb_struct_na_base_pair_step.i_auth_asym_id_2 
_ndb_struct_na_base_pair_step.i_auth_seq_id_2 
_ndb_struct_na_base_pair_step.i_PDB_ins_code_2 
_ndb_struct_na_base_pair_step.j_auth_asym_id_2 
_ndb_struct_na_base_pair_step.j_auth_seq_id_2 
_ndb_struct_na_base_pair_step.j_PDB_ins_code_2 
1 A DG 1 1_555 A DG 10 5_555 A DG 2 1_555 A DG 11 5_555 3.484 0.587 3.050 -109.190 131.753 -41.490 -1.836 0.469  2.738 -68.083 
-56.423 -171.695 1 AA_DG1DG2:DG11DG10_AA A 1 ? A 10 ? A 2 ? A 11 ? 
1 A DG 2 1_555 A DG 11 5_555 A DA 3 1_555 A DA 12 5_555 0.278 0.352 4.597 -0.367   -0.250  171.251 0.177  -0.140 4.597 -0.125  
0.184   171.251  2 AA_DG2DA3:DA12DG11_AA A 2 ? A 11 ? A 3 ? A 12 ? 
# 
loop_
_pdbx_entity_nonpoly.entity_id 
_pdbx_entity_nonpoly.name 
_pdbx_entity_nonpoly.comp_id 
2 'MAGNESIUM ION' MG  
3 water           HOH 
# 
_pdbx_initial_refinement_model.id               1 
_pdbx_initial_refinement_model.entity_id_list   ? 
_pdbx_initial_refinement_model.type             'experimental model' 
_pdbx_initial_refinement_model.source_name      PDB 
_pdbx_initial_refinement_model.accession_code   1P1Y 
_pdbx_initial_refinement_model.details          'PDB ENTRY 1p1y' 
# 
